data_9FJC
#
_entry.id   9FJC
#
loop_
_entity.id
_entity.type
_entity.pdbx_description
1 polymer 'Capsid protein VP1'
2 polymer 'Capsid protein VP2'
3 polymer 'Capsid protein VP3'
4 polymer 'Capsid protein VP4'
5 non-polymer 'PALMITIC ACID'
#
loop_
_entity_poly.entity_id
_entity_poly.type
_entity_poly.pdbx_seq_one_letter_code
_entity_poly.pdbx_strand_id
1 'polypeptide(L)'
;YHSRSESSIENFLCRAACVYYATYTNNSEKGYAEWVINTRQVAQLRRKLELFTYLRFDLELTFVITSAQQPSTATSVDAP
VQTHQIMYVPPGGPVPTKVTDYAWQTSTNPSVFWTEGNAPPRMSIPFISIGNAYSCFYDGWTQFSRNGVYGINTLNNMGT
LYMRHVNEAGQGPIKSTVRIYFKPKHVKAWVPRPPRLCQYEKQKNVNFTPTGVTTTRVGITTT
;
1
2 'polypeptide(L)'
;VRSITLGNSTITTQECANVVVGYGVWPEYLKDNEATAEDQPTQPDVATCRFYTLESVQWMKNSAGWWWKLPDALSQMGLF
GQNMQYHYLGRTGYTIHVQCNASKFHQGCLLVVCVPEAEMGCSNLNNTPEFAELSGGDTARMFTDTQIGETNSKKVQTAV
WNAGMGVGVGNLTIYPHQWINLRTNNSATIVMPYINSVPMDNMFRHNNLTLMIIPFVPLNYSEGSSPYVPITVTIAPMCA
EYNGLRLASSQ
;
2
3 'polypeptide(L)'
;GLPVMTTPGSTQFLTSDDFQSPSAMPQFDVTPEMQIPGRVNNLMEIAEVDSVVPVNNTEANVNSLKAYQIPVQSNSDNGK
QVFGFPLQPGANGVLNRTLLGEILNYYTHWSGSIKLTFMFCGSAMATGKFLLAYSPPGAGVPKNRKDAMLGTHVIWDVGL
QSSCVLCVPWISQTHYRYVVEDEYTAAGYITCWYQTNIVVPADVQSSCDILCFVSACNDFSVRMLKDTPFIRQDTFYQ
;
3
4 'polypeptide(L)' YTNINYYKDAASNSANR 4
#
# COMPACT_ATOMS: atom_id res chain seq x y z
N TYR A 1 0.35 -9.41 -27.64
CA TYR A 1 1.56 -10.02 -28.16
C TYR A 1 2.71 -9.90 -27.18
N HIS A 2 2.48 -9.16 -26.10
CA HIS A 2 3.43 -9.04 -24.99
C HIS A 2 2.78 -9.64 -23.76
N SER A 3 3.45 -10.61 -23.15
CA SER A 3 2.92 -11.28 -21.98
C SER A 3 3.33 -10.54 -20.71
N ARG A 4 2.49 -10.66 -19.68
CA ARG A 4 2.72 -10.03 -18.39
C ARG A 4 3.14 -11.07 -17.34
N SER A 5 3.89 -12.08 -17.77
CA SER A 5 4.23 -13.18 -16.87
C SER A 5 5.10 -12.71 -15.72
N GLU A 6 6.07 -11.83 -15.99
CA GLU A 6 7.02 -11.45 -14.96
C GLU A 6 6.47 -10.42 -13.99
N SER A 7 5.27 -9.89 -14.23
CA SER A 7 4.63 -8.99 -13.29
C SER A 7 3.58 -9.69 -12.43
N SER A 8 3.51 -11.02 -12.50
CA SER A 8 2.64 -11.76 -11.61
C SER A 8 3.10 -11.61 -10.17
N ILE A 9 2.16 -11.80 -9.24
CA ILE A 9 2.51 -11.72 -7.82
C ILE A 9 3.53 -12.79 -7.46
N GLU A 10 3.38 -13.99 -8.03
CA GLU A 10 4.34 -15.06 -7.80
C GLU A 10 5.74 -14.63 -8.19
N ASN A 11 5.94 -14.26 -9.46
CA ASN A 11 7.26 -13.86 -9.93
C ASN A 11 7.78 -12.66 -9.16
N PHE A 12 6.91 -11.74 -8.77
CA PHE A 12 7.32 -10.56 -8.04
C PHE A 12 7.84 -10.90 -6.65
N LEU A 13 7.23 -11.88 -5.99
CA LEU A 13 7.58 -12.20 -4.62
C LEU A 13 8.43 -13.45 -4.47
N CYS A 14 8.38 -14.38 -5.44
CA CYS A 14 9.09 -15.65 -5.34
C CYS A 14 10.58 -15.48 -5.69
N ARG A 15 11.25 -14.62 -4.93
CA ARG A 15 12.69 -14.43 -5.03
C ARG A 15 13.24 -14.35 -3.62
N ALA A 16 14.32 -15.09 -3.35
CA ALA A 16 14.85 -15.16 -2.00
C ALA A 16 15.44 -13.81 -1.57
N ALA A 17 15.07 -13.38 -0.37
CA ALA A 17 15.50 -12.10 0.17
C ALA A 17 16.00 -12.28 1.59
N CYS A 18 17.13 -11.65 1.90
CA CYS A 18 17.65 -11.70 3.26
C CYS A 18 16.76 -10.87 4.18
N VAL A 19 16.33 -11.48 5.29
CA VAL A 19 15.46 -10.80 6.26
C VAL A 19 16.19 -10.44 7.53
N TYR A 20 17.33 -11.06 7.81
CA TYR A 20 18.08 -10.83 9.04
C TYR A 20 19.36 -11.66 8.97
N TYR A 21 20.33 -11.27 9.78
CA TYR A 21 21.49 -12.12 10.03
C TYR A 21 21.97 -11.90 11.45
N ALA A 22 22.42 -12.98 12.08
CA ALA A 22 22.85 -12.95 13.47
C ALA A 22 24.23 -13.60 13.59
N THR A 23 24.93 -13.26 14.66
CA THR A 23 26.28 -13.76 14.90
C THR A 23 26.36 -14.39 16.28
N TYR A 24 27.29 -15.34 16.41
CA TYR A 24 27.54 -15.99 17.69
C TYR A 24 28.95 -16.56 17.68
N THR A 25 29.61 -16.49 18.83
CA THR A 25 30.99 -16.94 18.98
C THR A 25 31.04 -18.13 19.92
N ASN A 26 32.01 -19.01 19.68
CA ASN A 26 32.12 -20.27 20.42
C ASN A 26 32.96 -20.13 21.69
N ASN A 27 33.14 -18.92 22.20
CA ASN A 27 34.05 -18.68 23.32
C ASN A 27 33.33 -18.39 24.63
N SER A 28 32.04 -18.72 24.73
CA SER A 28 31.30 -18.42 25.96
C SER A 28 30.11 -19.35 26.05
N GLU A 29 29.51 -19.45 27.24
CA GLU A 29 28.28 -20.26 27.42
C GLU A 29 27.11 -19.50 26.80
N LYS A 30 27.21 -18.17 26.72
CA LYS A 30 26.17 -17.39 26.05
C LYS A 30 26.44 -17.27 24.56
N GLY A 31 27.19 -18.22 23.98
CA GLY A 31 27.56 -18.16 22.59
C GLY A 31 26.52 -18.72 21.65
N TYR A 32 25.30 -18.23 21.79
CA TYR A 32 24.21 -18.64 20.87
C TYR A 32 23.55 -17.37 20.37
N ALA A 33 22.69 -17.47 19.37
CA ALA A 33 21.98 -16.34 18.80
C ALA A 33 20.49 -16.62 18.77
N GLU A 34 19.71 -15.56 18.84
CA GLU A 34 18.25 -15.64 18.79
C GLU A 34 17.71 -14.55 17.88
N TRP A 35 16.54 -14.81 17.29
CA TRP A 35 15.89 -13.83 16.45
C TRP A 35 14.39 -14.08 16.48
N VAL A 36 13.62 -13.05 16.85
CA VAL A 36 12.17 -13.14 16.80
C VAL A 36 11.74 -12.92 15.36
N ILE A 37 11.09 -13.92 14.77
CA ILE A 37 10.85 -13.93 13.33
C ILE A 37 9.89 -12.80 12.95
N ASN A 38 10.29 -12.00 11.98
CA ASN A 38 9.47 -10.93 11.44
C ASN A 38 10.06 -10.49 10.11
N THR A 39 9.21 -9.94 9.25
CA THR A 39 9.62 -9.51 7.91
C THR A 39 9.73 -8.00 7.79
N ARG A 40 9.92 -7.29 8.92
CA ARG A 40 9.87 -5.85 8.93
C ARG A 40 11.20 -5.21 9.31
N GLN A 41 12.27 -5.99 9.43
CA GLN A 41 13.57 -5.44 9.79
C GLN A 41 14.44 -5.14 8.58
N VAL A 42 14.00 -5.48 7.37
CA VAL A 42 14.72 -5.19 6.14
C VAL A 42 13.82 -4.35 5.24
N ALA A 43 14.40 -3.38 4.55
CA ALA A 43 13.61 -2.43 3.78
C ALA A 43 12.98 -3.08 2.55
N GLN A 44 13.76 -3.88 1.81
CA GLN A 44 13.33 -4.31 0.48
C GLN A 44 12.15 -5.26 0.53
N LEU A 45 12.29 -6.38 1.25
CA LEU A 45 11.19 -7.34 1.32
C LEU A 45 9.99 -6.74 2.02
N ARG A 46 10.21 -5.90 3.04
CA ARG A 46 9.09 -5.24 3.70
C ARG A 46 8.30 -4.37 2.73
N ARG A 47 9.00 -3.59 1.91
CA ARG A 47 8.31 -2.75 0.94
C ARG A 47 7.58 -3.60 -0.09
N LYS A 48 8.21 -4.69 -0.54
CA LYS A 48 7.55 -5.56 -1.51
C LYS A 48 6.27 -6.17 -0.94
N LEU A 49 6.31 -6.59 0.32
CA LEU A 49 5.13 -7.19 0.94
C LEU A 49 4.05 -6.14 1.21
N GLU A 50 4.46 -4.93 1.58
CA GLU A 50 3.52 -3.89 1.98
C GLU A 50 2.84 -3.20 0.80
N LEU A 51 3.04 -3.69 -0.42
CA LEU A 51 2.20 -3.27 -1.53
C LEU A 51 0.77 -3.80 -1.41
N PHE A 52 0.54 -4.72 -0.47
CA PHE A 52 -0.76 -5.34 -0.27
C PHE A 52 -1.11 -5.27 1.22
N THR A 53 -2.40 -5.39 1.51
CA THR A 53 -2.87 -5.38 2.90
C THR A 53 -2.88 -6.77 3.52
N TYR A 54 -3.31 -7.78 2.77
CA TYR A 54 -3.36 -9.14 3.25
C TYR A 54 -2.63 -10.07 2.28
N LEU A 55 -1.92 -11.04 2.83
CA LEU A 55 -1.15 -11.97 2.03
C LEU A 55 -1.34 -13.39 2.58
N ARG A 56 -1.22 -14.36 1.69
CA ARG A 56 -1.29 -15.77 2.07
C ARG A 56 -0.31 -16.53 1.20
N PHE A 57 0.72 -17.11 1.83
CA PHE A 57 1.75 -17.79 1.06
C PHE A 57 2.41 -18.87 1.90
N ASP A 58 3.01 -19.83 1.22
CA ASP A 58 3.98 -20.72 1.82
C ASP A 58 5.35 -20.07 1.78
N LEU A 59 6.27 -20.58 2.59
CA LEU A 59 7.58 -19.97 2.72
C LEU A 59 8.68 -21.01 2.53
N GLU A 60 9.68 -20.66 1.75
CA GLU A 60 10.91 -21.44 1.63
C GLU A 60 12.00 -20.73 2.43
N LEU A 61 12.65 -21.47 3.32
CA LEU A 61 13.67 -20.93 4.20
C LEU A 61 15.03 -21.45 3.75
N THR A 62 15.99 -20.56 3.57
CA THR A 62 17.36 -20.91 3.24
C THR A 62 18.31 -20.13 4.12
N PHE A 63 19.31 -20.82 4.67
CA PHE A 63 20.29 -20.22 5.56
C PHE A 63 21.67 -20.25 4.92
N VAL A 64 22.38 -19.13 5.00
CA VAL A 64 23.77 -19.04 4.55
C VAL A 64 24.61 -18.79 5.78
N ILE A 65 25.40 -19.79 6.18
CA ILE A 65 26.18 -19.75 7.41
C ILE A 65 27.65 -19.71 7.06
N THR A 66 28.36 -18.70 7.54
CA THR A 66 29.78 -18.53 7.33
C THR A 66 30.47 -18.29 8.66
N SER A 67 31.75 -18.64 8.74
CA SER A 67 32.52 -18.51 9.96
C SER A 67 33.82 -17.77 9.68
N ALA A 68 34.36 -17.16 10.74
CA ALA A 68 35.61 -16.44 10.66
C ALA A 68 36.45 -16.76 11.88
N GLN A 69 37.75 -16.93 11.68
CA GLN A 69 38.66 -17.23 12.78
C GLN A 69 38.93 -15.96 13.59
N GLN A 70 38.75 -16.06 14.89
CA GLN A 70 39.00 -14.97 15.82
C GLN A 70 40.44 -15.01 16.31
N PRO A 71 40.98 -13.89 16.80
CA PRO A 71 42.35 -13.90 17.30
C PRO A 71 42.54 -14.88 18.43
N SER A 72 43.72 -15.51 18.45
CA SER A 72 44.07 -16.50 19.46
C SER A 72 45.56 -16.42 19.73
N THR A 73 45.97 -17.02 20.85
CA THR A 73 47.37 -17.04 21.24
C THR A 73 48.01 -18.41 21.13
N ALA A 74 47.22 -19.46 20.90
CA ALA A 74 47.76 -20.80 20.77
C ALA A 74 48.49 -20.94 19.45
N THR A 75 49.63 -21.64 19.50
CA THR A 75 50.38 -21.93 18.27
C THR A 75 49.71 -23.06 17.54
N SER A 76 49.70 -23.00 16.21
CA SER A 76 49.18 -24.10 15.40
C SER A 76 47.72 -24.39 15.68
N VAL A 77 46.83 -23.45 15.34
CA VAL A 77 45.39 -23.66 15.41
C VAL A 77 44.99 -24.52 14.22
N ASP A 78 44.32 -25.64 14.49
CA ASP A 78 43.90 -26.60 13.47
C ASP A 78 42.49 -27.08 13.83
N ALA A 79 41.47 -26.40 13.32
CA ALA A 79 40.13 -26.72 13.77
C ALA A 79 39.43 -27.63 12.77
N PRO A 80 38.70 -28.63 13.26
CA PRO A 80 37.88 -29.46 12.37
C PRO A 80 36.70 -28.67 11.80
N VAL A 81 36.01 -29.29 10.85
CA VAL A 81 34.86 -28.65 10.23
C VAL A 81 33.78 -28.43 11.28
N GLN A 82 33.06 -27.33 11.14
CA GLN A 82 32.09 -26.91 12.15
C GLN A 82 30.68 -27.33 11.78
N THR A 83 29.94 -27.79 12.77
CA THR A 83 28.54 -28.17 12.60
C THR A 83 27.67 -27.22 13.42
N HIS A 84 26.58 -26.76 12.80
CA HIS A 84 25.69 -25.78 13.40
C HIS A 84 24.31 -26.40 13.60
N GLN A 85 23.60 -25.89 14.60
CA GLN A 85 22.23 -26.30 14.87
C GLN A 85 21.34 -25.05 14.90
N ILE A 86 20.24 -25.10 14.17
CA ILE A 86 19.22 -24.06 14.18
C ILE A 86 17.92 -24.68 14.63
N MET A 87 17.36 -24.16 15.72
CA MET A 87 16.15 -24.69 16.32
C MET A 87 15.06 -23.64 16.31
N TYR A 88 13.85 -24.07 15.96
CA TYR A 88 12.68 -23.19 15.96
C TYR A 88 11.87 -23.46 17.23
N VAL A 89 11.60 -22.41 17.99
CA VAL A 89 10.83 -22.54 19.22
C VAL A 89 9.50 -21.81 19.05
N PRO A 90 8.39 -22.52 18.87
CA PRO A 90 7.10 -21.85 18.78
C PRO A 90 6.77 -21.17 20.09
N PRO A 91 5.92 -20.13 20.06
CA PRO A 91 5.60 -19.41 21.30
C PRO A 91 5.07 -20.31 22.40
N GLY A 92 5.57 -20.13 23.61
CA GLY A 92 5.21 -20.94 24.75
C GLY A 92 6.19 -22.06 25.05
N GLY A 93 7.02 -22.45 24.08
CA GLY A 93 7.99 -23.48 24.29
C GLY A 93 9.18 -23.00 25.10
N PRO A 94 9.87 -23.92 25.76
CA PRO A 94 11.07 -23.54 26.54
C PRO A 94 12.16 -23.03 25.63
N VAL A 95 12.89 -22.02 26.10
CA VAL A 95 13.93 -21.39 25.29
C VAL A 95 15.29 -21.71 25.89
N PRO A 96 16.33 -21.90 25.06
CA PRO A 96 17.67 -22.12 25.60
C PRO A 96 18.20 -20.87 26.27
N THR A 97 18.99 -21.07 27.33
CA THR A 97 19.67 -19.98 28.01
C THR A 97 21.18 -20.09 27.93
N LYS A 98 21.71 -21.18 27.39
CA LYS A 98 23.15 -21.37 27.23
C LYS A 98 23.37 -22.36 26.10
N VAL A 99 24.63 -22.46 25.67
CA VAL A 99 24.96 -23.36 24.57
C VAL A 99 24.65 -24.80 24.94
N THR A 100 24.94 -25.18 26.19
CA THR A 100 24.76 -26.58 26.62
C THR A 100 23.42 -26.78 27.28
N ASP A 101 22.41 -25.99 26.91
CA ASP A 101 21.09 -26.11 27.52
C ASP A 101 20.42 -27.42 27.13
N TYR A 102 19.57 -27.93 28.02
CA TYR A 102 18.80 -29.13 27.72
C TYR A 102 17.80 -28.92 26.59
N ALA A 103 17.40 -27.67 26.34
CA ALA A 103 16.37 -27.41 25.34
C ALA A 103 16.82 -27.81 23.94
N TRP A 104 18.14 -27.90 23.71
CA TRP A 104 18.64 -28.30 22.41
C TRP A 104 18.38 -29.77 22.09
N GLN A 105 17.72 -30.52 22.98
CA GLN A 105 17.34 -31.89 22.66
C GLN A 105 16.36 -31.93 21.50
N THR A 106 15.63 -30.84 21.27
CA THR A 106 14.71 -30.64 20.14
C THR A 106 13.86 -31.89 19.85
N SER A 107 13.35 -32.49 20.92
CA SER A 107 12.53 -33.70 20.76
C SER A 107 11.27 -33.43 19.96
N THR A 108 10.70 -32.23 20.08
CA THR A 108 9.48 -31.90 19.37
C THR A 108 9.66 -30.64 18.52
N ASN A 109 10.54 -29.74 18.95
CA ASN A 109 10.85 -28.57 18.15
C ASN A 109 11.55 -28.98 16.86
N PRO A 110 11.19 -28.39 15.72
CA PRO A 110 11.93 -28.68 14.48
C PRO A 110 13.29 -28.01 14.51
N SER A 111 14.32 -28.78 14.16
CA SER A 111 15.69 -28.29 14.14
C SER A 111 16.42 -28.86 12.94
N VAL A 112 17.47 -28.17 12.52
CA VAL A 112 18.29 -28.58 11.38
C VAL A 112 19.76 -28.52 11.78
N PHE A 113 20.48 -29.59 11.49
CA PHE A 113 21.92 -29.67 11.71
C PHE A 113 22.64 -29.63 10.37
N TRP A 114 23.64 -28.76 10.26
CA TRP A 114 24.31 -28.53 8.99
C TRP A 114 25.79 -28.31 9.21
N THR A 115 26.60 -28.92 8.36
CA THR A 115 28.06 -28.85 8.47
C THR A 115 28.61 -27.92 7.39
N GLU A 116 29.64 -27.16 7.75
CA GLU A 116 30.20 -26.18 6.83
C GLU A 116 30.84 -26.85 5.62
N GLY A 117 30.80 -26.15 4.49
CA GLY A 117 31.33 -26.65 3.25
C GLY A 117 30.31 -27.29 2.33
N ASN A 118 29.10 -27.53 2.81
CA ASN A 118 28.04 -28.15 2.02
C ASN A 118 27.10 -27.08 1.46
N ALA A 119 26.10 -27.56 0.73
CA ALA A 119 25.08 -26.67 0.21
C ALA A 119 24.29 -26.05 1.36
N PRO A 120 23.77 -24.84 1.18
CA PRO A 120 23.01 -24.19 2.25
C PRO A 120 21.80 -25.01 2.66
N PRO A 121 21.48 -25.06 3.95
CA PRO A 121 20.28 -25.78 4.38
C PRO A 121 19.02 -25.07 3.90
N ARG A 122 17.97 -25.85 3.68
CA ARG A 122 16.72 -25.31 3.15
C ARG A 122 15.55 -26.16 3.59
N MET A 123 14.46 -25.50 3.97
CA MET A 123 13.23 -26.17 4.38
C MET A 123 12.04 -25.33 3.96
N SER A 124 10.88 -25.98 3.89
CA SER A 124 9.64 -25.32 3.50
C SER A 124 8.72 -25.17 4.71
N ILE A 125 7.94 -24.10 4.71
CA ILE A 125 7.01 -23.81 5.79
C ILE A 125 5.64 -23.50 5.19
N PRO A 126 4.56 -24.08 5.70
CA PRO A 126 3.23 -23.79 5.17
C PRO A 126 2.70 -22.46 5.72
N PHE A 127 1.46 -22.18 5.39
CA PHE A 127 0.76 -21.00 5.91
C PHE A 127 0.30 -21.28 7.32
N ILE A 128 0.90 -20.61 8.30
CA ILE A 128 0.75 -20.99 9.71
C ILE A 128 0.02 -19.93 10.52
N SER A 129 -0.74 -19.05 9.87
CA SER A 129 -1.45 -18.00 10.59
C SER A 129 -2.70 -18.57 11.25
N ILE A 130 -3.05 -17.98 12.40
CA ILE A 130 -4.30 -18.37 13.05
C ILE A 130 -5.48 -17.74 12.30
N GLY A 131 -5.25 -16.66 11.57
CA GLY A 131 -6.27 -16.08 10.73
C GLY A 131 -6.31 -16.72 9.35
N ASN A 132 -7.18 -16.18 8.50
CA ASN A 132 -7.31 -16.69 7.14
C ASN A 132 -6.29 -16.08 6.18
N ALA A 133 -5.53 -15.08 6.63
CA ALA A 133 -4.47 -14.50 5.81
C ALA A 133 -3.51 -13.77 6.72
N TYR A 134 -2.25 -13.65 6.28
CA TYR A 134 -1.31 -12.78 6.96
C TYR A 134 -1.74 -11.33 6.81
N SER A 135 -1.43 -10.54 7.81
CA SER A 135 -1.78 -9.12 7.81
C SER A 135 -0.50 -8.28 7.76
N CYS A 136 -0.41 -7.41 6.78
CA CYS A 136 0.69 -6.45 6.71
C CYS A 136 0.41 -5.19 7.51
N PHE A 137 -0.86 -4.83 7.70
CA PHE A 137 -1.25 -3.64 8.43
C PHE A 137 -2.42 -3.97 9.34
N TYR A 138 -2.45 -3.34 10.50
CA TYR A 138 -3.49 -3.59 11.49
C TYR A 138 -3.81 -2.28 12.19
N ASP A 139 -4.92 -1.65 11.82
CA ASP A 139 -5.35 -0.40 12.44
C ASP A 139 -6.17 -0.73 13.68
N GLY A 140 -5.46 -1.10 14.74
CA GLY A 140 -6.13 -1.49 15.96
C GLY A 140 -5.15 -1.69 17.09
N TRP A 141 -5.69 -2.14 18.22
CA TRP A 141 -4.91 -2.35 19.44
C TRP A 141 -4.97 -3.81 19.86
N THR A 142 -4.09 -4.19 20.78
CA THR A 142 -4.11 -5.53 21.34
C THR A 142 -5.05 -5.64 22.53
N GLN A 143 -5.25 -4.55 23.27
CA GLN A 143 -6.11 -4.54 24.45
C GLN A 143 -7.47 -3.97 24.09
N PHE A 144 -8.52 -4.54 24.70
CA PHE A 144 -9.88 -4.09 24.42
C PHE A 144 -10.13 -2.67 24.90
N SER A 145 -9.28 -2.14 25.78
CA SER A 145 -9.41 -0.78 26.28
C SER A 145 -8.78 0.26 25.37
N ARG A 146 -8.21 -0.16 24.24
CA ARG A 146 -7.54 0.72 23.28
C ARG A 146 -6.33 1.43 23.88
N ASN A 147 -5.74 0.84 24.92
CA ASN A 147 -4.50 1.33 25.50
C ASN A 147 -3.37 0.34 25.22
N GLY A 148 -2.15 0.82 25.34
CA GLY A 148 -1.00 -0.04 25.14
C GLY A 148 -0.55 -0.13 23.70
N VAL A 149 -0.23 -1.33 23.25
CA VAL A 149 0.37 -1.52 21.93
C VAL A 149 -0.67 -1.24 20.85
N TYR A 150 -0.27 -0.43 19.87
CA TYR A 150 -1.08 -0.12 18.70
C TYR A 150 -0.31 -0.50 17.45
N GLY A 151 -0.99 -1.16 16.50
CA GLY A 151 -0.38 -1.40 15.22
C GLY A 151 -0.21 -2.86 14.84
N ILE A 152 0.67 -3.11 13.87
CA ILE A 152 0.82 -4.43 13.29
C ILE A 152 1.50 -5.39 14.27
N ASN A 153 2.24 -4.86 15.25
CA ASN A 153 3.00 -5.73 16.14
C ASN A 153 2.09 -6.60 17.00
N THR A 154 0.82 -6.24 17.14
CA THR A 154 -0.09 -7.03 17.96
C THR A 154 -0.27 -8.43 17.38
N LEU A 155 -0.14 -8.57 16.06
CA LEU A 155 -0.38 -9.82 15.38
C LEU A 155 0.87 -10.67 15.19
N ASN A 156 2.03 -10.23 15.68
CA ASN A 156 3.28 -10.93 15.47
C ASN A 156 3.52 -11.88 16.64
N ASN A 157 3.20 -13.16 16.46
CA ASN A 157 3.43 -14.19 17.46
C ASN A 157 3.98 -15.44 16.77
N MET A 158 4.99 -15.25 15.91
CA MET A 158 5.47 -16.31 15.05
C MET A 158 6.59 -17.16 15.66
N GLY A 159 7.13 -16.78 16.80
CA GLY A 159 8.14 -17.59 17.47
C GLY A 159 9.54 -17.02 17.31
N THR A 160 10.52 -17.87 17.63
CA THR A 160 11.91 -17.45 17.71
C THR A 160 12.82 -18.53 17.14
N LEU A 161 13.89 -18.11 16.48
CA LEU A 161 14.93 -19.00 15.99
C LEU A 161 16.13 -18.94 16.92
N TYR A 162 16.73 -20.10 17.19
CA TYR A 162 17.94 -20.19 18.01
C TYR A 162 19.03 -20.90 17.25
N MET A 163 20.26 -20.38 17.37
CA MET A 163 21.39 -20.87 16.59
C MET A 163 22.60 -21.03 17.50
N ARG A 164 23.38 -22.09 17.27
CA ARG A 164 24.53 -22.36 18.12
C ARG A 164 25.54 -23.23 17.36
N HIS A 165 26.77 -23.22 17.85
CA HIS A 165 27.78 -24.18 17.41
C HIS A 165 27.56 -25.51 18.11
N VAL A 166 27.48 -26.58 17.33
CA VAL A 166 27.41 -27.92 17.93
C VAL A 166 28.76 -28.33 18.48
N ASN A 167 29.84 -28.06 17.75
CA ASN A 167 31.16 -28.48 18.16
C ASN A 167 31.60 -27.77 19.43
N GLU A 168 32.31 -28.50 20.28
CA GLU A 168 32.94 -27.92 21.45
C GLU A 168 34.12 -27.05 21.03
N ALA A 169 34.32 -25.96 21.77
CA ALA A 169 35.36 -24.99 21.41
C ALA A 169 36.74 -25.63 21.44
N GLY A 170 37.58 -25.22 20.49
CA GLY A 170 38.92 -25.76 20.37
C GLY A 170 39.99 -24.82 20.91
N GLN A 171 41.08 -24.67 20.18
CA GLN A 171 42.21 -23.86 20.60
C GLN A 171 42.10 -22.41 20.14
N GLY A 172 41.07 -22.06 19.38
CA GLY A 172 40.85 -20.71 18.96
C GLY A 172 39.38 -20.43 18.73
N PRO A 173 38.93 -19.24 19.12
CA PRO A 173 37.52 -18.91 18.95
C PRO A 173 37.12 -18.79 17.49
N ILE A 174 35.87 -19.15 17.21
CA ILE A 174 35.29 -19.06 15.88
C ILE A 174 34.01 -18.25 15.98
N LYS A 175 33.90 -17.21 15.16
CA LYS A 175 32.70 -16.40 15.09
C LYS A 175 31.95 -16.74 13.81
N SER A 176 30.66 -17.04 13.93
CA SER A 176 29.84 -17.46 12.80
C SER A 176 28.69 -16.48 12.60
N THR A 177 28.33 -16.28 11.34
CA THR A 177 27.20 -15.45 10.96
C THR A 177 26.23 -16.29 10.14
N VAL A 178 24.95 -16.25 10.50
CA VAL A 178 23.92 -16.98 9.78
C VAL A 178 22.98 -15.97 9.13
N ARG A 179 22.84 -16.06 7.81
CA ARG A 179 21.96 -15.17 7.06
C ARG A 179 20.68 -15.92 6.71
N ILE A 180 19.54 -15.32 7.04
CA ILE A 180 18.24 -15.94 6.86
C ILE A 180 17.59 -15.38 5.60
N TYR A 181 17.10 -16.27 4.74
CA TYR A 181 16.50 -15.88 3.46
C TYR A 181 15.07 -16.41 3.39
N PHE A 182 14.13 -15.54 3.08
CA PHE A 182 12.73 -15.88 2.92
C PHE A 182 12.36 -15.85 1.44
N LYS A 183 11.62 -16.86 0.99
CA LYS A 183 11.09 -16.89 -0.37
C LYS A 183 9.63 -17.32 -0.34
N PRO A 184 8.70 -16.38 -0.41
CA PRO A 184 7.29 -16.75 -0.49
C PRO A 184 6.98 -17.54 -1.75
N LYS A 185 6.15 -18.56 -1.60
CA LYS A 185 5.67 -19.36 -2.73
C LYS A 185 4.17 -19.57 -2.58
N HIS A 186 3.51 -19.81 -3.71
CA HIS A 186 2.06 -20.00 -3.77
C HIS A 186 1.35 -18.83 -3.10
N VAL A 187 1.64 -17.64 -3.60
CA VAL A 187 1.25 -16.39 -2.97
C VAL A 187 -0.14 -15.99 -3.42
N LYS A 188 -0.92 -15.45 -2.49
CA LYS A 188 -2.21 -14.82 -2.76
C LYS A 188 -2.23 -13.47 -2.06
N ALA A 189 -2.61 -12.42 -2.78
CA ALA A 189 -2.56 -11.06 -2.28
C ALA A 189 -3.90 -10.38 -2.45
N TRP A 190 -4.18 -9.44 -1.53
CA TRP A 190 -5.49 -8.73 -1.55
C TRP A 190 -5.31 -7.26 -1.16
N VAL A 191 -6.24 -6.41 -1.60
CA VAL A 191 -6.25 -4.97 -1.21
C VAL A 191 -4.90 -4.32 -1.49
N PRO A 192 -4.61 -3.94 -2.74
CA PRO A 192 -3.36 -3.28 -3.07
C PRO A 192 -3.28 -1.95 -2.31
N ARG A 193 -2.07 -1.54 -1.94
CA ARG A 193 -1.88 -0.32 -1.12
C ARG A 193 -0.80 0.54 -1.79
N PRO A 194 -0.80 1.88 -1.64
CA PRO A 194 0.23 2.73 -2.24
C PRO A 194 1.61 2.32 -1.78
N PRO A 195 2.59 2.31 -2.68
CA PRO A 195 3.96 1.95 -2.29
C PRO A 195 4.49 2.91 -1.24
N ARG A 196 5.30 2.37 -0.32
CA ARG A 196 5.89 3.18 0.74
C ARG A 196 6.80 4.25 0.13
N LEU A 197 6.55 5.50 0.50
CA LEU A 197 7.30 6.64 -0.03
C LEU A 197 8.35 7.13 0.95
N CYS A 198 7.96 7.43 2.19
CA CYS A 198 8.92 7.82 3.21
C CYS A 198 9.74 6.62 3.65
N GLN A 199 11.00 6.86 4.01
CA GLN A 199 11.86 5.80 4.46
C GLN A 199 11.35 5.20 5.77
N TYR A 200 11.58 3.90 5.93
CA TYR A 200 11.18 3.22 7.16
C TYR A 200 12.00 3.73 8.33
N GLU A 201 11.38 3.75 9.50
CA GLU A 201 12.03 4.20 10.72
C GLU A 201 12.08 3.14 11.82
N LYS A 202 11.01 2.39 12.01
CA LYS A 202 10.93 1.42 13.09
C LYS A 202 10.37 0.11 12.56
N GLN A 203 10.68 -0.97 13.28
CA GLN A 203 10.22 -2.30 12.90
C GLN A 203 8.75 -2.53 13.21
N LYS A 204 8.29 -2.07 14.36
CA LYS A 204 6.97 -2.46 14.87
C LYS A 204 5.86 -1.48 14.53
N ASN A 205 6.12 -0.43 13.78
CA ASN A 205 5.07 0.52 13.43
C ASN A 205 5.38 1.16 12.09
N VAL A 206 4.46 2.01 11.64
CA VAL A 206 4.55 2.66 10.35
C VAL A 206 5.09 4.08 10.46
N ASN A 207 5.78 4.41 11.56
CA ASN A 207 6.21 5.78 11.81
C ASN A 207 7.15 6.25 10.71
N PHE A 208 7.04 7.54 10.38
CA PHE A 208 7.75 8.10 9.25
C PHE A 208 8.02 9.57 9.52
N THR A 209 8.94 10.14 8.75
CA THR A 209 9.18 11.59 8.79
C THR A 209 8.71 12.10 7.45
N PRO A 210 7.91 13.17 7.38
CA PRO A 210 7.34 13.65 6.12
C PRO A 210 8.40 13.98 5.09
N THR A 211 8.13 13.56 3.84
CA THR A 211 9.05 13.78 2.71
C THR A 211 8.25 14.23 1.51
N GLY A 212 8.88 14.94 0.56
CA GLY A 212 8.17 15.42 -0.61
C GLY A 212 7.64 14.29 -1.47
N VAL A 213 6.61 14.60 -2.25
CA VAL A 213 5.95 13.57 -3.04
C VAL A 213 6.84 13.07 -4.16
N THR A 214 7.63 13.95 -4.78
CA THR A 214 8.55 13.56 -5.84
C THR A 214 9.81 14.40 -5.74
N THR A 215 10.76 14.11 -6.60
CA THR A 215 11.89 15.01 -6.80
C THR A 215 11.43 16.23 -7.62
N THR A 216 12.27 17.25 -7.59
CA THR A 216 11.82 18.52 -8.18
C THR A 216 12.47 18.85 -9.49
N ARG A 217 11.84 19.75 -10.23
CA ARG A 217 12.39 20.32 -11.44
C ARG A 217 12.21 21.83 -11.37
N VAL A 218 12.88 22.55 -12.26
CA VAL A 218 12.90 24.05 -12.15
C VAL A 218 11.51 24.66 -12.35
N GLY A 219 10.85 24.33 -13.45
CA GLY A 219 9.56 24.95 -13.77
C GLY A 219 8.61 23.94 -14.37
N ILE A 220 7.35 24.33 -14.52
CA ILE A 220 6.33 23.41 -15.02
C ILE A 220 6.52 22.99 -16.47
N THR A 221 7.44 23.65 -17.19
CA THR A 221 7.65 23.33 -18.62
C THR A 221 9.03 22.76 -18.85
N THR A 222 9.84 22.57 -17.79
CA THR A 222 11.21 22.11 -17.96
C THR A 222 11.22 20.66 -18.46
N THR A 223 11.99 20.41 -19.51
CA THR A 223 12.09 19.06 -20.08
C THR A 223 13.52 18.54 -19.94
N VAL B 1 -33.67 12.35 -8.47
CA VAL B 1 -34.11 11.40 -9.48
C VAL B 1 -34.02 9.98 -8.95
N ARG B 2 -32.86 9.62 -8.40
CA ARG B 2 -32.64 8.32 -7.80
C ARG B 2 -32.64 8.45 -6.28
N SER B 3 -33.45 7.61 -5.63
CA SER B 3 -33.57 7.63 -4.18
C SER B 3 -33.16 6.27 -3.63
N ILE B 4 -32.32 6.28 -2.59
CA ILE B 4 -31.84 5.07 -1.94
C ILE B 4 -32.46 5.02 -0.54
N THR B 5 -33.24 3.98 -0.28
CA THR B 5 -33.96 3.83 0.98
C THR B 5 -33.36 2.68 1.77
N LEU B 6 -33.01 2.95 3.03
CA LEU B 6 -32.50 1.94 3.95
C LEU B 6 -33.23 2.12 5.27
N GLY B 7 -33.99 1.10 5.68
CA GLY B 7 -34.79 1.25 6.89
C GLY B 7 -35.84 2.32 6.70
N ASN B 8 -35.86 3.29 7.60
CA ASN B 8 -36.78 4.41 7.53
C ASN B 8 -36.10 5.69 7.08
N SER B 9 -34.95 5.60 6.44
CA SER B 9 -34.18 6.74 5.99
C SER B 9 -33.98 6.68 4.49
N THR B 10 -33.99 7.83 3.84
CA THR B 10 -33.87 7.92 2.38
C THR B 10 -32.93 9.05 2.01
N ILE B 11 -32.07 8.79 1.02
CA ILE B 11 -31.23 9.82 0.41
C ILE B 11 -31.51 9.83 -1.08
N THR B 12 -31.22 10.97 -1.71
CA THR B 12 -31.50 11.16 -3.12
C THR B 12 -30.26 11.62 -3.85
N THR B 13 -30.05 11.08 -5.05
CA THR B 13 -28.93 11.45 -5.90
C THR B 13 -29.43 11.58 -7.34
N GLN B 14 -28.56 12.07 -8.20
CA GLN B 14 -28.87 12.11 -9.63
C GLN B 14 -28.99 10.69 -10.18
N GLU B 15 -29.80 10.54 -11.23
CA GLU B 15 -30.02 9.23 -11.81
C GLU B 15 -28.74 8.65 -12.39
N CYS B 16 -27.73 9.48 -12.62
CA CYS B 16 -26.45 9.01 -13.15
C CYS B 16 -25.33 9.33 -12.17
N ALA B 17 -25.55 9.04 -10.89
CA ALA B 17 -24.59 9.43 -9.86
C ALA B 17 -23.34 8.55 -9.85
N ASN B 18 -23.40 7.37 -10.49
CA ASN B 18 -22.26 6.47 -10.57
C ASN B 18 -21.75 6.06 -9.19
N VAL B 19 -22.55 5.29 -8.45
CA VAL B 19 -22.18 4.75 -7.16
C VAL B 19 -20.96 3.85 -7.33
N VAL B 20 -19.97 4.03 -6.48
CA VAL B 20 -18.75 3.21 -6.51
C VAL B 20 -18.91 2.09 -5.50
N VAL B 21 -18.72 0.85 -5.97
CA VAL B 21 -18.91 -0.34 -5.13
C VAL B 21 -17.53 -0.92 -4.83
N GLY B 22 -16.93 -0.46 -3.73
CA GLY B 22 -15.79 -1.11 -3.10
C GLY B 22 -14.74 -1.65 -4.05
N TYR B 23 -14.53 -2.95 -3.98
CA TYR B 23 -13.68 -3.68 -4.91
C TYR B 23 -14.53 -4.55 -5.83
N GLY B 24 -15.70 -4.03 -6.21
CA GLY B 24 -16.64 -4.79 -6.99
C GLY B 24 -17.47 -5.78 -6.20
N VAL B 25 -17.40 -5.76 -4.88
CA VAL B 25 -18.08 -6.72 -4.02
C VAL B 25 -19.17 -5.99 -3.25
N TRP B 26 -20.40 -6.49 -3.35
CA TRP B 26 -21.49 -5.93 -2.57
C TRP B 26 -21.48 -6.54 -1.16
N PRO B 27 -21.82 -5.77 -0.14
CA PRO B 27 -21.86 -6.30 1.23
C PRO B 27 -22.85 -7.46 1.33
N GLU B 28 -22.49 -8.46 2.13
CA GLU B 28 -23.30 -9.65 2.30
C GLU B 28 -23.09 -10.22 3.69
N TYR B 29 -24.07 -10.98 4.15
CA TYR B 29 -23.97 -11.65 5.44
C TYR B 29 -22.93 -12.76 5.38
N LEU B 30 -22.32 -13.05 6.52
CA LEU B 30 -21.31 -14.10 6.59
C LEU B 30 -21.93 -15.46 6.28
N LYS B 31 -21.28 -16.20 5.39
CA LYS B 31 -21.75 -17.53 5.03
C LYS B 31 -21.33 -18.56 6.08
N ASP B 32 -22.09 -19.64 6.15
CA ASP B 32 -21.81 -20.68 7.13
C ASP B 32 -20.46 -21.34 6.89
N ASN B 33 -20.11 -21.56 5.63
CA ASN B 33 -18.89 -22.28 5.32
C ASN B 33 -17.62 -21.51 5.68
N GLU B 34 -17.73 -20.20 5.93
CA GLU B 34 -16.57 -19.41 6.30
C GLU B 34 -16.71 -18.77 7.68
N ALA B 35 -17.61 -19.30 8.50
CA ALA B 35 -17.80 -18.80 9.86
C ALA B 35 -17.09 -19.71 10.86
N THR B 36 -16.55 -19.11 11.91
CA THR B 36 -15.89 -19.86 12.98
C THR B 36 -16.63 -19.80 14.30
N ALA B 37 -17.28 -18.69 14.62
CA ALA B 37 -18.09 -18.62 15.83
C ALA B 37 -19.32 -19.50 15.70
N GLU B 38 -19.68 -20.16 16.79
CA GLU B 38 -20.75 -21.15 16.76
C GLU B 38 -22.09 -20.64 17.23
N ASP B 39 -22.14 -19.56 18.01
CA ASP B 39 -23.40 -19.05 18.50
C ASP B 39 -24.19 -18.40 17.37
N GLN B 40 -25.51 -18.34 17.55
CA GLN B 40 -26.38 -17.78 16.53
C GLN B 40 -26.18 -16.27 16.44
N PRO B 41 -25.94 -15.72 15.25
CA PRO B 41 -25.68 -14.28 15.14
C PRO B 41 -26.93 -13.45 15.30
N THR B 42 -26.73 -12.20 15.73
CA THR B 42 -27.81 -11.23 15.82
C THR B 42 -27.79 -10.33 14.59
N GLN B 43 -28.93 -10.25 13.89
CA GLN B 43 -29.01 -9.41 12.67
C GLN B 43 -30.14 -8.41 12.87
N PRO B 44 -29.88 -7.21 13.45
CA PRO B 44 -30.95 -6.26 13.78
C PRO B 44 -31.65 -5.65 12.55
N ASP B 45 -31.00 -5.68 11.39
CA ASP B 45 -31.62 -5.20 10.12
C ASP B 45 -32.09 -3.74 10.21
N VAL B 46 -33.37 -3.48 9.95
CA VAL B 46 -33.90 -2.08 9.87
C VAL B 46 -33.43 -1.20 11.03
N ALA B 47 -33.29 -1.75 12.23
CA ALA B 47 -32.92 -0.91 13.39
C ALA B 47 -31.48 -0.38 13.26
N THR B 48 -30.62 -1.09 12.52
CA THR B 48 -29.20 -0.68 12.44
C THR B 48 -28.82 -0.35 11.00
N CYS B 49 -29.45 -0.98 10.02
CA CYS B 49 -29.08 -0.75 8.63
C CYS B 49 -29.87 0.44 8.09
N ARG B 50 -29.42 1.64 8.49
CA ARG B 50 -30.08 2.88 8.12
C ARG B 50 -29.03 3.98 8.06
N PHE B 51 -29.39 5.07 7.39
CA PHE B 51 -28.47 6.18 7.19
C PHE B 51 -28.33 7.00 8.47
N TYR B 52 -27.10 7.12 8.97
CA TYR B 52 -26.78 7.97 10.10
C TYR B 52 -25.97 9.16 9.60
N THR B 53 -26.37 10.36 9.99
CA THR B 53 -25.70 11.58 9.57
C THR B 53 -24.81 12.09 10.69
N LEU B 54 -23.52 12.21 10.42
CA LEU B 54 -22.57 12.72 11.39
C LEU B 54 -22.61 14.24 11.40
N GLU B 55 -21.81 14.85 12.28
CA GLU B 55 -21.73 16.30 12.31
C GLU B 55 -21.06 16.82 11.06
N SER B 56 -21.56 17.94 10.56
CA SER B 56 -21.03 18.56 9.36
C SER B 56 -19.74 19.33 9.67
N VAL B 57 -18.86 19.38 8.69
CA VAL B 57 -17.63 20.17 8.78
C VAL B 57 -17.69 21.26 7.72
N GLN B 58 -16.91 22.30 7.92
CA GLN B 58 -16.89 23.45 7.02
C GLN B 58 -15.68 23.34 6.10
N TRP B 59 -15.93 23.39 4.80
CA TRP B 59 -14.86 23.42 3.80
C TRP B 59 -14.37 24.86 3.70
N MET B 60 -13.23 25.13 4.31
CA MET B 60 -12.62 26.45 4.26
C MET B 60 -11.62 26.51 3.10
N LYS B 61 -11.19 27.73 2.78
CA LYS B 61 -10.24 27.92 1.70
C LYS B 61 -8.87 27.32 2.01
N ASN B 62 -8.52 27.18 3.28
CA ASN B 62 -7.25 26.60 3.68
C ASN B 62 -7.40 25.21 4.29
N SER B 63 -8.55 24.57 4.12
CA SER B 63 -8.78 23.25 4.67
C SER B 63 -7.83 22.23 4.06
N ALA B 64 -7.21 21.41 4.91
CA ALA B 64 -6.31 20.38 4.44
C ALA B 64 -6.99 19.04 4.24
N GLY B 65 -7.96 18.70 5.07
CA GLY B 65 -8.68 17.45 4.93
C GLY B 65 -9.19 16.96 6.27
N TRP B 66 -10.01 15.91 6.20
CA TRP B 66 -10.63 15.32 7.37
C TRP B 66 -10.62 13.80 7.23
N TRP B 67 -10.74 13.09 8.35
CA TRP B 67 -10.89 11.65 8.31
C TRP B 67 -11.74 11.17 9.48
N TRP B 68 -12.44 10.06 9.24
CA TRP B 68 -13.23 9.37 10.26
C TRP B 68 -12.85 7.89 10.24
N LYS B 69 -12.74 7.29 11.42
CA LYS B 69 -12.59 5.84 11.51
C LYS B 69 -13.96 5.19 11.58
N LEU B 70 -14.22 4.27 10.67
CA LEU B 70 -15.60 3.90 10.34
C LEU B 70 -16.37 3.27 11.51
N PRO B 71 -15.95 2.13 12.07
CA PRO B 71 -16.76 1.56 13.17
C PRO B 71 -16.85 2.48 14.37
N ASP B 72 -15.79 3.24 14.65
CA ASP B 72 -15.81 4.15 15.80
C ASP B 72 -16.74 5.32 15.56
N ALA B 73 -16.83 5.80 14.32
CA ALA B 73 -17.67 6.97 14.03
C ALA B 73 -19.14 6.72 14.29
N LEU B 74 -19.59 5.46 14.26
CA LEU B 74 -20.97 5.11 14.52
C LEU B 74 -21.15 4.44 15.87
N SER B 75 -20.18 4.56 16.77
CA SER B 75 -20.25 3.88 18.05
C SER B 75 -21.32 4.45 18.97
N GLN B 76 -21.82 5.65 18.68
CA GLN B 76 -22.84 6.29 19.50
C GLN B 76 -24.11 6.57 18.71
N MET B 77 -24.39 5.77 17.68
CA MET B 77 -25.49 6.02 16.75
C MET B 77 -26.57 4.97 16.96
N GLY B 78 -27.57 5.31 17.78
CA GLY B 78 -28.76 4.49 17.89
C GLY B 78 -28.47 3.09 18.37
N LEU B 79 -29.20 2.13 17.79
CA LEU B 79 -29.07 0.73 18.19
C LEU B 79 -27.82 0.07 17.63
N PHE B 80 -27.19 0.66 16.62
CA PHE B 80 -25.91 0.14 16.13
C PHE B 80 -24.86 0.18 17.23
N GLY B 81 -24.75 1.31 17.92
CA GLY B 81 -23.80 1.41 19.01
C GLY B 81 -24.16 0.51 20.18
N GLN B 82 -25.45 0.34 20.45
CA GLN B 82 -25.88 -0.54 21.53
C GLN B 82 -25.48 -1.98 21.24
N ASN B 83 -25.71 -2.44 20.01
CA ASN B 83 -25.29 -3.79 19.64
C ASN B 83 -23.77 -3.92 19.69
N MET B 84 -23.05 -2.89 19.27
CA MET B 84 -21.60 -2.91 19.39
C MET B 84 -21.18 -3.10 20.85
N GLN B 85 -21.82 -2.37 21.76
CA GLN B 85 -21.48 -2.48 23.18
C GLN B 85 -21.81 -3.85 23.74
N TYR B 86 -22.92 -4.44 23.31
CA TYR B 86 -23.39 -5.68 23.92
C TYR B 86 -22.84 -6.93 23.25
N HIS B 87 -22.10 -6.82 22.16
CA HIS B 87 -21.58 -8.00 21.47
C HIS B 87 -20.07 -7.98 21.41
N TYR B 88 -19.47 -9.17 21.54
CA TYR B 88 -18.02 -9.32 21.48
C TYR B 88 -17.50 -9.22 20.06
N LEU B 89 -18.22 -9.79 19.10
CA LEU B 89 -17.80 -9.81 17.70
C LEU B 89 -18.82 -9.09 16.83
N GLY B 90 -18.35 -8.60 15.70
CA GLY B 90 -19.23 -7.94 14.74
C GLY B 90 -18.56 -7.78 13.39
N ARG B 91 -19.39 -7.76 12.35
CA ARG B 91 -18.94 -7.49 10.99
C ARG B 91 -20.02 -6.71 10.26
N THR B 92 -19.61 -5.81 9.38
CA THR B 92 -20.57 -5.00 8.65
C THR B 92 -19.92 -4.36 7.44
N GLY B 93 -20.73 -4.09 6.42
CA GLY B 93 -20.36 -3.21 5.33
C GLY B 93 -20.86 -1.80 5.60
N TYR B 94 -20.63 -0.94 4.62
CA TYR B 94 -21.06 0.45 4.75
C TYR B 94 -21.49 1.00 3.41
N THR B 95 -22.39 1.98 3.46
CA THR B 95 -22.72 2.84 2.34
C THR B 95 -22.42 4.27 2.77
N ILE B 96 -21.32 4.82 2.26
CA ILE B 96 -20.87 6.15 2.65
C ILE B 96 -21.38 7.14 1.62
N HIS B 97 -22.11 8.16 2.10
CA HIS B 97 -22.67 9.19 1.23
C HIS B 97 -22.17 10.55 1.73
N VAL B 98 -21.38 11.21 0.90
CA VAL B 98 -20.78 12.50 1.23
C VAL B 98 -21.49 13.58 0.43
N GLN B 99 -21.95 14.62 1.10
CA GLN B 99 -22.73 15.69 0.48
C GLN B 99 -22.02 17.02 0.61
N CYS B 100 -21.87 17.73 -0.51
CA CYS B 100 -21.27 19.05 -0.51
C CYS B 100 -21.81 19.79 -1.73
N ASN B 101 -22.73 20.73 -1.51
CA ASN B 101 -23.33 21.48 -2.59
C ASN B 101 -22.80 22.91 -2.61
N ALA B 102 -22.63 23.44 -3.81
CA ALA B 102 -22.19 24.81 -4.01
C ALA B 102 -22.73 25.29 -5.34
N SER B 103 -22.74 26.60 -5.52
CA SER B 103 -23.31 27.20 -6.73
C SER B 103 -22.40 26.92 -7.92
N LYS B 104 -22.89 27.25 -9.11
CA LYS B 104 -22.09 27.14 -10.32
C LYS B 104 -20.98 28.18 -10.39
N PHE B 105 -20.98 29.15 -9.47
CA PHE B 105 -19.94 30.16 -9.39
C PHE B 105 -18.84 29.79 -8.42
N HIS B 106 -18.87 28.60 -7.84
CA HIS B 106 -17.85 28.10 -6.94
C HIS B 106 -16.97 27.09 -7.67
N GLN B 107 -15.77 26.88 -7.13
CA GLN B 107 -14.85 25.90 -7.69
C GLN B 107 -14.12 25.18 -6.56
N GLY B 108 -13.70 23.96 -6.84
CA GLY B 108 -13.01 23.14 -5.87
C GLY B 108 -13.18 21.67 -6.19
N CYS B 109 -12.26 20.87 -5.68
CA CYS B 109 -12.29 19.43 -5.92
C CYS B 109 -11.86 18.69 -4.67
N LEU B 110 -12.60 17.63 -4.32
CA LEU B 110 -12.33 16.82 -3.15
C LEU B 110 -12.08 15.38 -3.57
N LEU B 111 -11.20 14.70 -2.84
CA LEU B 111 -11.02 13.26 -2.97
C LEU B 111 -11.68 12.58 -1.78
N VAL B 112 -12.68 11.76 -2.06
CA VAL B 112 -13.36 10.94 -1.05
C VAL B 112 -12.88 9.51 -1.23
N VAL B 113 -12.13 8.99 -0.26
CA VAL B 113 -11.48 7.69 -0.39
C VAL B 113 -11.68 6.89 0.87
N CYS B 114 -11.97 5.60 0.72
CA CYS B 114 -12.14 4.67 1.83
C CYS B 114 -10.91 3.77 1.89
N VAL B 115 -10.18 3.84 3.00
CA VAL B 115 -8.89 3.18 3.14
C VAL B 115 -9.04 2.03 4.14
N PRO B 116 -8.88 0.78 3.72
CA PRO B 116 -8.89 -0.33 4.68
C PRO B 116 -7.58 -0.40 5.45
N GLU B 117 -7.69 -0.66 6.75
CA GLU B 117 -6.54 -0.83 7.64
C GLU B 117 -5.58 0.35 7.53
N ALA B 118 -6.12 1.54 7.76
CA ALA B 118 -5.33 2.77 7.65
C ALA B 118 -4.55 2.99 8.95
N GLU B 119 -3.50 2.19 9.10
CA GLU B 119 -2.59 2.37 10.22
C GLU B 119 -1.82 3.68 10.05
N MET B 120 -1.83 4.51 11.09
CA MET B 120 -1.28 5.85 11.01
C MET B 120 -0.01 5.98 11.83
N GLY B 121 0.86 6.89 11.41
CA GLY B 121 2.13 7.12 12.07
C GLY B 121 2.07 8.24 13.09
N CYS B 122 2.99 8.19 14.03
CA CYS B 122 3.05 9.12 15.15
C CYS B 122 4.09 10.20 14.89
N SER B 123 3.83 11.40 15.43
CA SER B 123 4.80 12.49 15.31
C SER B 123 6.11 12.15 16.01
N ASN B 124 6.03 11.53 17.19
CA ASN B 124 7.21 10.99 17.84
C ASN B 124 7.51 9.62 17.26
N LEU B 125 8.73 9.44 16.74
CA LEU B 125 9.06 8.21 16.05
C LEU B 125 9.07 7.01 16.98
N ASN B 126 9.36 7.22 18.26
CA ASN B 126 9.47 6.12 19.21
C ASN B 126 8.11 5.71 19.79
N ASN B 127 7.05 6.44 19.52
CA ASN B 127 5.75 6.17 20.11
C ASN B 127 4.73 5.84 19.02
N THR B 128 3.54 5.46 19.46
CA THR B 128 2.39 5.30 18.62
C THR B 128 1.29 6.26 19.05
N PRO B 129 0.46 6.72 18.12
CA PRO B 129 -0.56 7.72 18.48
C PRO B 129 -1.60 7.15 19.42
N GLU B 130 -2.16 8.02 20.25
CA GLU B 130 -3.20 7.62 21.19
C GLU B 130 -4.56 7.60 20.50
N PHE B 131 -5.53 6.98 21.18
CA PHE B 131 -6.85 6.78 20.59
C PHE B 131 -7.53 8.11 20.29
N ALA B 132 -7.36 9.09 21.17
CA ALA B 132 -8.04 10.38 20.96
C ALA B 132 -7.51 11.04 19.69
N GLU B 133 -6.21 10.91 19.43
CA GLU B 133 -5.65 11.49 18.21
C GLU B 133 -6.01 10.69 16.98
N LEU B 134 -6.11 9.36 17.11
CA LEU B 134 -6.42 8.53 15.95
C LEU B 134 -7.86 8.65 15.52
N SER B 135 -8.78 8.83 16.47
CA SER B 135 -10.23 8.91 16.14
C SER B 135 -10.96 9.88 17.06
N GLY B 136 -12.00 10.54 16.54
CA GLY B 136 -12.83 11.43 17.37
C GLY B 136 -14.28 11.04 17.34
N GLY B 137 -14.56 9.76 17.10
CA GLY B 137 -15.96 9.29 16.98
C GLY B 137 -16.69 10.04 15.88
N ASP B 138 -17.83 10.64 16.21
CA ASP B 138 -18.60 11.45 15.23
C ASP B 138 -17.71 12.60 14.76
N THR B 139 -17.07 13.32 15.68
CA THR B 139 -16.24 14.48 15.32
C THR B 139 -15.16 14.05 14.35
N ALA B 140 -14.86 14.89 13.37
CA ALA B 140 -13.83 14.58 12.36
C ALA B 140 -12.45 15.00 12.81
N ARG B 141 -11.45 14.19 12.52
CA ARG B 141 -10.06 14.56 12.76
C ARG B 141 -9.50 15.24 11.52
N MET B 142 -8.69 16.27 11.73
CA MET B 142 -8.28 17.15 10.65
C MET B 142 -6.83 16.90 10.25
N PHE B 143 -6.61 16.78 8.94
CA PHE B 143 -5.28 16.81 8.38
C PHE B 143 -4.70 18.21 8.47
N THR B 144 -3.38 18.30 8.41
CA THR B 144 -2.68 19.57 8.54
C THR B 144 -1.77 19.78 7.33
N ASP B 145 -1.77 21.02 6.83
CA ASP B 145 -0.90 21.39 5.71
C ASP B 145 0.55 21.59 6.13
N THR B 146 0.84 21.56 7.42
CA THR B 146 2.20 21.64 7.94
C THR B 146 2.57 20.30 8.58
N GLN B 147 3.80 20.23 9.07
CA GLN B 147 4.33 19.02 9.67
C GLN B 147 4.32 19.14 11.19
N ILE B 148 3.78 18.10 11.83
CA ILE B 148 3.70 18.08 13.31
C ILE B 148 5.10 17.84 13.87
N GLY B 149 5.52 18.63 14.85
CA GLY B 149 6.85 18.52 15.41
C GLY B 149 7.03 17.25 16.23
N GLU B 150 8.29 16.85 16.37
CA GLU B 150 8.63 15.64 17.10
C GLU B 150 8.43 15.80 18.61
N THR B 151 8.33 17.04 19.09
CA THR B 151 8.12 17.27 20.53
C THR B 151 6.86 16.57 20.97
N ASN B 152 5.79 16.69 20.19
CA ASN B 152 4.50 16.09 20.54
C ASN B 152 4.66 14.59 20.74
N SER B 153 4.37 14.09 21.95
CA SER B 153 4.69 12.66 22.22
C SER B 153 3.73 11.65 21.59
N LYS B 154 2.45 11.95 21.50
CA LYS B 154 1.53 10.91 21.04
C LYS B 154 0.53 11.45 20.03
N LYS B 155 0.94 12.34 19.14
CA LYS B 155 0.05 12.87 18.13
C LYS B 155 0.28 12.16 16.80
N VAL B 156 -0.71 12.28 15.92
CA VAL B 156 -0.63 11.70 14.58
C VAL B 156 0.10 12.67 13.67
N GLN B 157 1.05 12.15 12.89
CA GLN B 157 1.70 12.95 11.86
C GLN B 157 0.69 13.23 10.75
N THR B 158 0.17 14.45 10.71
CA THR B 158 -1.00 14.78 9.90
C THR B 158 -0.65 15.54 8.62
N ALA B 159 0.59 15.47 8.16
CA ALA B 159 0.97 16.12 6.90
C ALA B 159 0.15 15.53 5.75
N VAL B 160 -0.56 16.38 5.01
CA VAL B 160 -1.50 15.90 4.00
C VAL B 160 -0.78 15.12 2.91
N TRP B 161 0.35 15.64 2.43
CA TRP B 161 0.98 15.06 1.26
C TRP B 161 1.48 13.64 1.52
N ASN B 162 1.58 13.23 2.78
CA ASN B 162 1.86 11.85 3.12
C ASN B 162 0.65 11.14 3.73
N ALA B 163 -0.42 11.87 4.04
CA ALA B 163 -1.71 11.28 4.40
C ALA B 163 -1.62 10.46 5.68
N GLY B 164 -0.65 10.75 6.52
CA GLY B 164 -0.52 10.06 7.80
C GLY B 164 -0.13 8.60 7.68
N MET B 165 0.23 8.11 6.50
CA MET B 165 0.60 6.72 6.31
C MET B 165 1.96 6.56 5.64
N GLY B 166 2.72 7.65 5.51
CA GLY B 166 4.03 7.57 4.87
C GLY B 166 3.98 7.16 3.41
N VAL B 167 2.96 7.59 2.68
CA VAL B 167 2.78 7.26 1.27
C VAL B 167 2.60 8.57 0.50
N GLY B 168 2.40 8.44 -0.81
CA GLY B 168 2.11 9.58 -1.64
C GLY B 168 0.61 9.81 -1.70
N VAL B 169 0.21 11.04 -1.37
CA VAL B 169 -1.22 11.33 -1.26
C VAL B 169 -1.91 11.17 -2.61
N GLY B 170 -1.22 11.49 -3.69
CA GLY B 170 -1.79 11.32 -5.02
C GLY B 170 -1.96 9.88 -5.44
N ASN B 171 -1.39 8.94 -4.71
CA ASN B 171 -1.54 7.52 -4.97
C ASN B 171 -2.68 6.89 -4.20
N LEU B 172 -3.45 7.68 -3.45
CA LEU B 172 -4.58 7.16 -2.68
C LEU B 172 -5.71 6.66 -3.57
N THR B 173 -5.67 6.94 -4.86
CA THR B 173 -6.74 6.50 -5.76
C THR B 173 -6.78 4.99 -5.93
N ILE B 174 -5.75 4.27 -5.47
CA ILE B 174 -5.80 2.81 -5.53
C ILE B 174 -6.89 2.24 -4.64
N TYR B 175 -7.25 2.98 -3.59
CA TYR B 175 -8.34 2.56 -2.68
C TYR B 175 -9.65 3.02 -3.30
N PRO B 176 -10.78 2.37 -2.98
CA PRO B 176 -12.07 2.80 -3.53
C PRO B 176 -12.35 4.25 -3.21
N HIS B 177 -12.70 5.02 -4.23
CA HIS B 177 -12.70 6.47 -4.11
C HIS B 177 -13.67 7.07 -5.13
N GLN B 178 -14.00 8.34 -4.90
CA GLN B 178 -14.76 9.13 -5.84
C GLN B 178 -14.31 10.58 -5.74
N TRP B 179 -14.40 11.31 -6.84
CA TRP B 179 -14.02 12.72 -6.87
C TRP B 179 -15.27 13.58 -6.80
N ILE B 180 -15.26 14.56 -5.91
CA ILE B 180 -16.32 15.56 -5.86
C ILE B 180 -15.75 16.84 -6.47
N ASN B 181 -16.06 17.05 -7.74
CA ASN B 181 -15.69 18.28 -8.44
C ASN B 181 -16.92 19.18 -8.45
N LEU B 182 -16.79 20.37 -7.83
CA LEU B 182 -17.94 21.26 -7.70
C LEU B 182 -18.50 21.65 -9.05
N ARG B 183 -17.67 21.62 -10.09
CA ARG B 183 -18.13 21.93 -11.44
C ARG B 183 -19.16 20.91 -11.92
N THR B 184 -19.05 19.66 -11.50
CA THR B 184 -19.91 18.61 -12.04
C THR B 184 -20.78 17.93 -10.99
N ASN B 185 -20.23 17.59 -9.83
CA ASN B 185 -20.94 16.80 -8.84
C ASN B 185 -21.12 17.58 -7.55
N ASN B 186 -22.11 17.15 -6.75
CA ASN B 186 -22.28 17.65 -5.40
C ASN B 186 -22.33 16.55 -4.35
N SER B 187 -22.08 15.31 -4.72
CA SER B 187 -22.12 14.21 -3.77
C SER B 187 -21.27 13.05 -4.28
N ALA B 188 -20.89 12.18 -3.35
CA ALA B 188 -20.17 10.95 -3.65
C ALA B 188 -20.75 9.81 -2.82
N THR B 189 -20.88 8.64 -3.43
CA THR B 189 -21.45 7.47 -2.77
C THR B 189 -20.54 6.27 -2.99
N ILE B 190 -19.97 5.78 -1.89
CA ILE B 190 -19.07 4.59 -1.96
C ILE B 190 -19.67 3.48 -1.08
N VAL B 191 -19.91 2.31 -1.65
CA VAL B 191 -20.44 1.15 -0.93
C VAL B 191 -19.27 0.21 -0.66
N MET B 192 -18.97 -0.03 0.61
CA MET B 192 -17.81 -0.87 0.83
C MET B 192 -18.19 -2.14 1.56
N PRO B 193 -17.64 -3.28 1.17
CA PRO B 193 -17.91 -4.53 1.88
C PRO B 193 -17.05 -4.64 3.13
N TYR B 194 -17.27 -5.73 3.86
CA TYR B 194 -16.43 -6.05 5.00
C TYR B 194 -15.10 -6.60 4.50
N ILE B 195 -14.00 -5.93 4.86
CA ILE B 195 -12.66 -6.31 4.44
C ILE B 195 -11.84 -6.57 5.69
N ASN B 196 -11.40 -7.81 5.87
CA ASN B 196 -10.59 -8.19 7.01
C ASN B 196 -9.92 -9.52 6.70
N SER B 197 -8.93 -9.87 7.52
CA SER B 197 -8.30 -11.18 7.42
C SER B 197 -9.01 -12.25 8.22
N VAL B 198 -10.04 -11.88 8.99
CA VAL B 198 -10.81 -12.83 9.77
C VAL B 198 -12.30 -12.59 9.48
N PRO B 199 -13.15 -13.61 9.56
CA PRO B 199 -14.56 -13.40 9.21
C PRO B 199 -15.28 -12.40 10.11
N MET B 200 -14.91 -12.32 11.39
CA MET B 200 -15.51 -11.38 12.32
C MET B 200 -14.41 -10.79 13.20
N ASP B 201 -14.71 -9.67 13.83
CA ASP B 201 -13.72 -9.00 14.65
C ASP B 201 -14.43 -8.16 15.71
N ASN B 202 -13.63 -7.70 16.68
CA ASN B 202 -14.15 -6.82 17.73
C ASN B 202 -14.21 -5.39 17.20
N MET B 203 -15.39 -4.77 17.33
CA MET B 203 -15.61 -3.46 16.75
C MET B 203 -14.98 -2.32 17.52
N PHE B 204 -14.54 -2.56 18.76
CA PHE B 204 -13.92 -1.49 19.54
C PHE B 204 -12.41 -1.49 19.44
N ARG B 205 -11.78 -2.65 19.35
CA ARG B 205 -10.33 -2.74 19.31
C ARG B 205 -9.75 -2.61 17.91
N HIS B 206 -10.58 -2.67 16.87
CA HIS B 206 -10.09 -2.68 15.50
C HIS B 206 -10.96 -1.78 14.64
N ASN B 207 -10.34 -0.80 13.99
CA ASN B 207 -11.03 0.08 13.05
C ASN B 207 -10.75 -0.43 11.64
N ASN B 208 -11.73 -1.11 11.04
CA ASN B 208 -11.51 -1.76 9.76
C ASN B 208 -11.34 -0.75 8.63
N LEU B 209 -12.03 0.39 8.69
CA LEU B 209 -12.08 1.33 7.59
C LEU B 209 -11.78 2.74 8.08
N THR B 210 -11.29 3.56 7.14
CA THR B 210 -11.04 4.98 7.40
C THR B 210 -11.50 5.76 6.18
N LEU B 211 -12.37 6.73 6.40
CA LEU B 211 -12.87 7.60 5.33
C LEU B 211 -12.08 8.89 5.35
N MET B 212 -11.44 9.23 4.23
CA MET B 212 -10.67 10.47 4.10
C MET B 212 -11.28 11.34 3.03
N ILE B 213 -11.43 12.63 3.33
CA ILE B 213 -11.85 13.63 2.37
C ILE B 213 -10.73 14.68 2.33
N ILE B 214 -10.07 14.79 1.19
CA ILE B 214 -8.89 15.64 1.04
C ILE B 214 -9.11 16.58 -0.14
N PRO B 215 -9.10 17.90 0.08
CA PRO B 215 -9.25 18.85 -1.05
C PRO B 215 -8.00 18.92 -1.90
N PHE B 216 -8.03 18.37 -3.11
CA PHE B 216 -6.89 18.48 -4.00
C PHE B 216 -6.81 19.85 -4.65
N VAL B 217 -7.94 20.42 -5.02
CA VAL B 217 -8.03 21.78 -5.54
C VAL B 217 -8.79 22.60 -4.52
N PRO B 218 -8.20 23.66 -3.96
CA PRO B 218 -8.85 24.38 -2.86
C PRO B 218 -10.14 25.06 -3.31
N LEU B 219 -11.07 25.18 -2.38
CA LEU B 219 -12.31 25.90 -2.63
C LEU B 219 -12.02 27.36 -2.92
N ASN B 220 -12.70 27.92 -3.92
CA ASN B 220 -12.53 29.32 -4.25
C ASN B 220 -13.82 29.86 -4.83
N TYR B 221 -13.98 31.18 -4.71
CA TYR B 221 -15.17 31.89 -5.19
C TYR B 221 -14.85 33.38 -5.18
N SER B 222 -15.67 34.14 -5.87
CA SER B 222 -15.52 35.59 -5.91
C SER B 222 -16.30 36.22 -4.76
N GLU B 223 -16.00 37.48 -4.50
CA GLU B 223 -16.72 38.23 -3.47
C GLU B 223 -18.19 38.34 -3.84
N GLY B 224 -19.05 38.04 -2.86
CA GLY B 224 -20.48 38.04 -3.10
C GLY B 224 -21.10 36.66 -2.99
N SER B 225 -20.37 35.64 -3.41
CA SER B 225 -20.86 34.28 -3.31
C SER B 225 -20.85 33.83 -1.85
N SER B 226 -21.67 32.82 -1.55
CA SER B 226 -21.81 32.33 -0.19
C SER B 226 -20.48 31.75 0.30
N PRO B 227 -19.93 32.26 1.41
CA PRO B 227 -18.60 31.79 1.83
C PRO B 227 -18.63 30.52 2.68
N TYR B 228 -19.79 30.10 3.17
CA TYR B 228 -19.88 28.94 4.06
C TYR B 228 -20.37 27.74 3.25
N VAL B 229 -19.48 26.78 3.04
CA VAL B 229 -19.76 25.59 2.26
C VAL B 229 -19.51 24.37 3.16
N PRO B 230 -20.56 23.76 3.69
CA PRO B 230 -20.39 22.60 4.56
C PRO B 230 -20.18 21.31 3.76
N ILE B 231 -19.59 20.33 4.44
CA ILE B 231 -19.51 18.96 3.94
C ILE B 231 -20.18 18.06 4.97
N THR B 232 -21.19 17.31 4.54
CA THR B 232 -21.98 16.46 5.42
C THR B 232 -21.81 15.01 5.01
N VAL B 233 -21.51 14.15 5.98
CA VAL B 233 -21.25 12.74 5.74
C VAL B 233 -22.37 11.92 6.35
N THR B 234 -22.96 11.04 5.53
CA THR B 234 -24.03 10.15 5.97
C THR B 234 -23.61 8.72 5.68
N ILE B 235 -23.63 7.87 6.71
CA ILE B 235 -23.13 6.50 6.61
C ILE B 235 -24.22 5.55 7.07
N ALA B 236 -24.42 4.47 6.31
CA ALA B 236 -25.38 3.44 6.66
C ALA B 236 -24.69 2.09 6.75
N PRO B 237 -24.73 1.43 7.91
CA PRO B 237 -24.23 0.04 7.97
C PRO B 237 -25.04 -0.86 7.05
N MET B 238 -24.36 -1.84 6.46
CA MET B 238 -25.00 -2.77 5.54
C MET B 238 -24.69 -4.20 6.00
N CYS B 239 -25.75 -4.99 6.18
CA CYS B 239 -25.63 -6.39 6.59
C CYS B 239 -24.81 -6.53 7.86
N ALA B 240 -25.17 -5.73 8.86
CA ALA B 240 -24.47 -5.76 10.13
C ALA B 240 -24.79 -7.05 10.88
N GLU B 241 -23.76 -7.69 11.41
CA GLU B 241 -23.88 -8.96 12.10
C GLU B 241 -23.13 -8.90 13.41
N TYR B 242 -23.61 -9.64 14.41
CA TYR B 242 -23.02 -9.62 15.74
C TYR B 242 -22.98 -11.03 16.31
N ASN B 243 -22.03 -11.27 17.21
CA ASN B 243 -21.89 -12.54 17.88
C ASN B 243 -21.30 -12.32 19.27
N GLY B 244 -21.51 -13.30 20.15
CA GLY B 244 -21.00 -13.22 21.50
C GLY B 244 -21.72 -12.20 22.35
N LEU B 245 -23.02 -12.41 22.59
CA LEU B 245 -23.79 -11.50 23.40
C LEU B 245 -23.42 -11.68 24.87
N ARG B 246 -23.07 -10.59 25.54
CA ARG B 246 -22.70 -10.61 26.94
C ARG B 246 -23.06 -9.25 27.55
N LEU B 247 -22.50 -8.96 28.72
CA LEU B 247 -22.72 -7.67 29.35
C LEU B 247 -22.08 -6.56 28.53
N ALA B 248 -22.62 -5.34 28.71
CA ALA B 248 -22.16 -4.19 27.94
C ALA B 248 -20.76 -3.77 28.36
N SER B 249 -19.93 -3.45 27.37
CA SER B 249 -18.60 -2.92 27.63
C SER B 249 -18.68 -1.44 27.95
N SER B 250 -17.79 -0.99 28.84
CA SER B 250 -17.84 0.42 29.29
C SER B 250 -17.55 1.37 28.12
N GLN B 251 -16.50 1.07 27.34
CA GLN B 251 -16.11 1.98 26.27
C GLN B 251 -17.26 2.16 25.28
N GLY C 1 24.79 -48.09 -5.40
CA GLY C 1 23.66 -47.31 -5.86
C GLY C 1 23.70 -47.02 -7.35
N LEU C 2 22.73 -46.26 -7.82
CA LEU C 2 22.69 -45.88 -9.23
C LEU C 2 23.85 -44.94 -9.54
N PRO C 3 24.61 -45.18 -10.60
CA PRO C 3 25.73 -44.28 -10.93
C PRO C 3 25.22 -42.92 -11.40
N VAL C 4 25.78 -41.86 -10.82
CA VAL C 4 25.42 -40.49 -11.17
C VAL C 4 26.71 -39.68 -11.30
N MET C 5 26.58 -38.52 -11.95
CA MET C 5 27.69 -37.60 -12.11
C MET C 5 27.19 -36.19 -11.87
N THR C 6 27.81 -35.48 -10.93
CA THR C 6 27.37 -34.14 -10.58
C THR C 6 27.92 -33.12 -11.57
N THR C 7 27.07 -32.21 -11.99
CA THR C 7 27.36 -31.19 -12.98
C THR C 7 27.64 -29.86 -12.31
N PRO C 8 28.18 -28.88 -13.05
CA PRO C 8 28.34 -27.54 -12.50
C PRO C 8 26.99 -26.97 -12.06
N GLY C 9 27.04 -26.13 -11.02
CA GLY C 9 25.85 -25.63 -10.38
C GLY C 9 25.43 -26.42 -9.15
N SER C 10 26.06 -27.57 -8.90
CA SER C 10 25.75 -28.34 -7.72
C SER C 10 26.12 -27.57 -6.46
N THR C 11 25.27 -27.66 -5.45
CA THR C 11 25.37 -27.04 -4.13
C THR C 11 25.21 -25.52 -4.17
N GLN C 12 24.97 -24.92 -5.32
CA GLN C 12 24.83 -23.47 -5.39
C GLN C 12 23.46 -23.04 -4.90
N PHE C 13 23.39 -21.83 -4.37
CA PHE C 13 22.15 -21.21 -3.94
C PHE C 13 21.89 -20.00 -4.83
N LEU C 14 21.03 -20.19 -5.82
CA LEU C 14 20.61 -19.12 -6.72
C LEU C 14 19.27 -18.59 -6.23
N THR C 15 19.19 -17.28 -5.99
CA THR C 15 18.03 -16.70 -5.34
C THR C 15 16.75 -16.83 -6.18
N SER C 16 16.87 -17.04 -7.49
CA SER C 16 15.71 -17.17 -8.34
C SER C 16 15.48 -18.60 -8.81
N ASP C 17 16.02 -19.58 -8.09
CA ASP C 17 15.78 -20.97 -8.46
C ASP C 17 14.37 -21.39 -8.05
N ASP C 18 13.95 -22.55 -8.55
CA ASP C 18 12.61 -23.06 -8.26
C ASP C 18 12.72 -24.57 -8.02
N PHE C 19 12.92 -24.96 -6.77
CA PHE C 19 13.08 -26.35 -6.38
C PHE C 19 12.14 -26.69 -5.23
N GLN C 20 11.96 -27.98 -5.01
CA GLN C 20 11.22 -28.48 -3.85
C GLN C 20 12.16 -28.66 -2.66
N SER C 21 11.61 -28.50 -1.47
CA SER C 21 12.36 -28.65 -0.24
C SER C 21 11.50 -29.37 0.78
N PRO C 22 12.12 -30.06 1.74
CA PRO C 22 11.33 -30.75 2.77
C PRO C 22 10.57 -29.75 3.64
N SER C 23 9.38 -30.16 4.07
CA SER C 23 8.59 -29.34 4.97
C SER C 23 9.03 -29.55 6.40
N ALA C 24 9.18 -28.46 7.14
CA ALA C 24 9.55 -28.53 8.54
C ALA C 24 8.37 -28.83 9.45
N MET C 25 7.15 -28.78 8.93
CA MET C 25 5.94 -29.03 9.71
C MET C 25 5.07 -30.02 8.94
N PRO C 26 5.41 -31.30 8.98
CA PRO C 26 4.63 -32.29 8.23
C PRO C 26 3.18 -32.34 8.68
N GLN C 27 2.28 -32.48 7.71
CA GLN C 27 0.85 -32.66 7.96
C GLN C 27 0.25 -31.48 8.72
N PHE C 28 0.82 -30.29 8.57
CA PHE C 28 0.23 -29.11 9.20
C PHE C 28 -1.12 -28.81 8.55
N ASP C 29 -2.11 -28.52 9.37
CA ASP C 29 -3.47 -28.25 8.91
C ASP C 29 -3.68 -26.75 8.84
N VAL C 30 -3.64 -26.20 7.62
CA VAL C 30 -3.71 -24.76 7.44
C VAL C 30 -5.12 -24.26 7.73
N THR C 31 -5.22 -22.98 8.10
CA THR C 31 -6.51 -22.36 8.30
C THR C 31 -7.28 -22.33 6.99
N PRO C 32 -8.59 -22.60 7.00
CA PRO C 32 -9.35 -22.58 5.75
C PRO C 32 -9.29 -21.22 5.06
N GLU C 33 -9.32 -21.26 3.73
CA GLU C 33 -9.28 -20.04 2.94
C GLU C 33 -10.63 -19.31 3.02
N MET C 34 -10.57 -17.98 3.06
CA MET C 34 -11.76 -17.16 3.16
C MET C 34 -11.74 -16.11 2.05
N GLN C 35 -12.90 -15.85 1.47
CA GLN C 35 -13.04 -14.88 0.38
C GLN C 35 -12.77 -13.49 0.92
N ILE C 36 -11.76 -12.83 0.36
CA ILE C 36 -11.43 -11.45 0.72
C ILE C 36 -11.56 -10.59 -0.53
N PRO C 37 -12.19 -9.42 -0.46
CA PRO C 37 -12.30 -8.56 -1.64
C PRO C 37 -10.94 -8.03 -2.06
N GLY C 38 -10.84 -7.69 -3.35
CA GLY C 38 -9.66 -7.04 -3.86
C GLY C 38 -8.47 -7.94 -4.12
N ARG C 39 -8.72 -9.15 -4.63
CA ARG C 39 -7.63 -10.05 -4.99
C ARG C 39 -6.84 -9.48 -6.16
N VAL C 40 -5.51 -9.54 -6.05
CA VAL C 40 -4.62 -9.02 -7.09
C VAL C 40 -3.79 -10.18 -7.62
N ASN C 41 -3.76 -10.32 -8.94
CA ASN C 41 -3.00 -11.38 -9.59
C ASN C 41 -1.80 -10.90 -10.37
N ASN C 42 -1.73 -9.62 -10.71
CA ASN C 42 -0.64 -9.09 -11.52
C ASN C 42 -0.40 -7.64 -11.14
N LEU C 43 0.88 -7.25 -11.09
CA LEU C 43 1.21 -5.87 -10.72
C LEU C 43 0.71 -4.89 -11.78
N MET C 44 0.50 -5.35 -13.00
CA MET C 44 -0.07 -4.49 -14.03
C MET C 44 -1.46 -4.00 -13.67
N GLU C 45 -2.20 -4.76 -12.86
CA GLU C 45 -3.49 -4.27 -12.37
C GLU C 45 -3.31 -3.03 -11.50
N ILE C 46 -2.29 -3.01 -10.66
CA ILE C 46 -1.98 -1.80 -9.91
C ILE C 46 -1.52 -0.70 -10.86
N ALA C 47 -0.68 -1.04 -11.84
CA ALA C 47 -0.15 -0.04 -12.75
C ALA C 47 -1.23 0.57 -13.64
N GLU C 48 -2.38 -0.10 -13.78
CA GLU C 48 -3.46 0.38 -14.61
C GLU C 48 -4.45 1.26 -13.87
N VAL C 49 -4.19 1.54 -12.59
CA VAL C 49 -5.08 2.39 -11.79
C VAL C 49 -4.56 3.82 -11.87
N ASP C 50 -5.46 4.75 -12.18
CA ASP C 50 -5.08 6.15 -12.33
C ASP C 50 -4.60 6.71 -11.00
N SER C 51 -3.50 7.47 -11.05
CA SER C 51 -2.99 8.19 -9.88
C SER C 51 -2.69 9.62 -10.28
N VAL C 52 -2.79 10.53 -9.31
CA VAL C 52 -2.62 11.94 -9.59
C VAL C 52 -1.15 12.24 -9.87
N VAL C 53 -0.90 12.94 -10.96
CA VAL C 53 0.46 13.26 -11.41
C VAL C 53 0.92 14.58 -10.82
N PRO C 54 2.04 14.61 -10.11
CA PRO C 54 2.58 15.89 -9.64
C PRO C 54 3.30 16.65 -10.75
N VAL C 55 2.53 17.23 -11.68
CA VAL C 55 3.12 17.97 -12.85
C VAL C 55 3.82 19.25 -12.37
N ASN C 56 3.26 19.92 -11.35
CA ASN C 56 3.86 21.18 -10.81
C ASN C 56 4.93 20.81 -9.78
N ASN C 57 5.90 19.97 -10.12
CA ASN C 57 6.87 19.51 -9.08
C ASN C 57 7.99 20.53 -8.88
N THR C 58 7.64 21.78 -8.59
CA THR C 58 8.68 22.80 -8.24
C THR C 58 9.12 22.55 -6.80
N GLU C 59 10.23 23.14 -6.39
CA GLU C 59 10.76 22.86 -5.02
C GLU C 59 9.79 23.33 -3.95
N ALA C 60 8.92 24.28 -4.26
CA ALA C 60 8.04 24.86 -3.22
C ALA C 60 6.69 24.16 -3.19
N ASN C 61 6.49 23.16 -4.04
CA ASN C 61 5.15 22.53 -4.15
C ASN C 61 5.23 21.06 -3.78
N VAL C 62 6.42 20.48 -3.68
CA VAL C 62 6.52 19.00 -3.47
C VAL C 62 6.14 18.61 -2.03
N ASN C 63 6.09 19.58 -1.11
CA ASN C 63 5.70 19.28 0.30
C ASN C 63 4.29 19.82 0.56
N SER C 64 3.40 19.70 -0.42
CA SER C 64 2.00 20.09 -0.29
C SER C 64 1.24 19.50 -1.46
N LEU C 65 -0.05 19.83 -1.55
CA LEU C 65 -0.87 19.40 -2.67
C LEU C 65 -0.78 20.33 -3.87
N LYS C 66 -0.02 21.41 -3.77
CA LYS C 66 0.18 22.29 -4.91
C LYS C 66 0.97 21.61 -6.02
N ALA C 67 1.69 20.53 -5.71
CA ALA C 67 2.45 19.82 -6.73
C ALA C 67 1.54 19.22 -7.79
N TYR C 68 0.30 18.89 -7.43
CA TYR C 68 -0.63 18.29 -8.36
C TYR C 68 -1.48 19.30 -9.11
N GLN C 69 -1.41 20.57 -8.77
CA GLN C 69 -2.28 21.59 -9.34
C GLN C 69 -1.59 22.28 -10.50
N ILE C 70 -2.22 22.25 -11.68
CA ILE C 70 -1.70 22.90 -12.88
C ILE C 70 -2.45 24.22 -13.05
N PRO C 71 -1.79 25.36 -12.89
CA PRO C 71 -2.51 26.64 -12.97
C PRO C 71 -3.02 26.92 -14.38
N VAL C 72 -4.13 27.64 -14.45
CA VAL C 72 -4.75 28.02 -15.71
C VAL C 72 -5.59 29.26 -15.45
N GLN C 73 -5.57 30.20 -16.40
CA GLN C 73 -6.24 31.47 -16.20
C GLN C 73 -6.58 32.09 -17.56
N SER C 74 -7.31 33.20 -17.50
CA SER C 74 -7.63 33.96 -18.69
C SER C 74 -6.45 34.83 -19.08
N ASN C 75 -6.01 34.71 -20.33
CA ASN C 75 -4.85 35.45 -20.81
C ASN C 75 -5.25 36.58 -21.74
N SER C 76 -4.29 37.45 -22.04
CA SER C 76 -4.46 38.52 -23.01
C SER C 76 -3.71 38.24 -24.30
N ASP C 77 -3.28 37.00 -24.50
CA ASP C 77 -2.53 36.60 -25.69
C ASP C 77 -3.03 35.23 -26.13
N ASN C 78 -2.30 34.60 -27.05
CA ASN C 78 -2.75 33.36 -27.65
C ASN C 78 -1.62 32.33 -27.64
N GLY C 79 -2.02 31.06 -27.57
CA GLY C 79 -1.09 29.96 -27.73
C GLY C 79 0.01 29.86 -26.69
N LYS C 80 -0.29 30.23 -25.45
CA LYS C 80 0.68 30.08 -24.38
C LYS C 80 0.73 28.62 -23.93
N GLN C 81 1.90 28.22 -23.42
CA GLN C 81 2.10 26.85 -22.96
C GLN C 81 1.58 26.71 -21.54
N VAL C 82 0.85 25.62 -21.28
CA VAL C 82 0.37 25.34 -19.93
C VAL C 82 1.39 24.53 -19.15
N PHE C 83 1.85 23.42 -19.72
CA PHE C 83 2.88 22.60 -19.08
C PHE C 83 3.59 21.79 -20.15
N GLY C 84 4.66 21.13 -19.73
CA GLY C 84 5.39 20.23 -20.60
C GLY C 84 6.42 19.39 -19.85
N PHE C 85 6.43 18.09 -20.08
CA PHE C 85 7.37 17.20 -19.42
C PHE C 85 7.75 16.07 -20.35
N PRO C 86 8.94 15.51 -20.22
CA PRO C 86 9.31 14.36 -21.05
C PRO C 86 8.48 13.14 -20.68
N LEU C 87 8.26 12.27 -21.67
CA LEU C 87 7.58 11.00 -21.44
C LEU C 87 8.60 9.96 -20.95
N GLN C 88 8.96 10.09 -19.69
CA GLN C 88 9.92 9.20 -19.03
C GLN C 88 9.25 8.66 -17.78
N PRO C 89 8.39 7.64 -17.93
CA PRO C 89 7.56 7.20 -16.80
C PRO C 89 8.35 6.61 -15.64
N GLY C 90 9.59 6.18 -15.87
CA GLY C 90 10.33 5.53 -14.81
C GLY C 90 11.53 6.32 -14.31
N ALA C 91 11.88 7.40 -14.99
CA ALA C 91 13.06 8.17 -14.64
C ALA C 91 12.80 9.64 -14.38
N ASN C 92 11.70 10.21 -14.86
CA ASN C 92 11.42 11.63 -14.68
C ASN C 92 10.61 11.84 -13.41
N GLY C 93 10.94 12.87 -12.64
CA GLY C 93 10.24 13.17 -11.39
C GLY C 93 8.75 13.34 -11.57
N VAL C 94 8.30 13.83 -12.73
CA VAL C 94 6.88 14.08 -12.90
C VAL C 94 6.08 12.79 -12.76
N LEU C 95 6.55 11.71 -13.38
CA LEU C 95 5.85 10.44 -13.37
C LEU C 95 6.52 9.38 -12.51
N ASN C 96 7.61 9.70 -11.81
CA ASN C 96 8.40 8.69 -11.13
C ASN C 96 7.62 8.01 -10.00
N ARG C 97 6.88 8.77 -9.21
CA ARG C 97 6.33 8.28 -7.96
C ARG C 97 4.83 7.99 -8.03
N THR C 98 4.23 8.03 -9.20
CA THR C 98 2.86 7.58 -9.34
C THR C 98 2.79 6.07 -9.18
N LEU C 99 1.58 5.52 -9.25
CA LEU C 99 1.44 4.07 -9.17
C LEU C 99 2.19 3.38 -10.31
N LEU C 100 2.00 3.89 -11.53
CA LEU C 100 2.69 3.34 -12.69
C LEU C 100 4.20 3.47 -12.55
N GLY C 101 4.67 4.65 -12.12
CA GLY C 101 6.10 4.84 -11.96
C GLY C 101 6.71 3.99 -10.88
N GLU C 102 5.97 3.74 -9.80
CA GLU C 102 6.47 2.89 -8.73
C GLU C 102 6.54 1.43 -9.16
N ILE C 103 5.53 0.97 -9.90
CA ILE C 103 5.60 -0.39 -10.45
C ILE C 103 6.75 -0.50 -11.43
N LEU C 104 7.00 0.56 -12.21
CA LEU C 104 8.04 0.51 -13.23
C LEU C 104 9.43 0.42 -12.62
N ASN C 105 9.65 1.01 -11.46
CA ASN C 105 10.97 1.03 -10.87
C ASN C 105 11.39 -0.31 -10.28
N TYR C 106 10.51 -1.29 -10.27
CA TYR C 106 10.87 -2.66 -9.93
C TYR C 106 11.30 -3.47 -11.15
N TYR C 107 11.35 -2.84 -12.32
CA TYR C 107 11.66 -3.53 -13.56
C TYR C 107 12.65 -2.70 -14.38
N THR C 108 13.12 -3.29 -15.47
CA THR C 108 14.16 -2.70 -16.29
C THR C 108 13.69 -2.26 -17.67
N HIS C 109 12.72 -2.95 -18.25
CA HIS C 109 12.18 -2.61 -19.56
C HIS C 109 10.68 -2.41 -19.47
N TRP C 110 10.15 -1.57 -20.35
CA TRP C 110 8.72 -1.31 -20.38
C TRP C 110 8.28 -1.06 -21.81
N SER C 111 7.00 -1.31 -22.06
CA SER C 111 6.42 -1.15 -23.40
C SER C 111 4.91 -0.99 -23.27
N GLY C 112 4.35 -0.11 -24.09
CA GLY C 112 2.92 0.05 -24.12
C GLY C 112 2.46 1.50 -24.10
N SER C 113 1.17 1.72 -24.36
CA SER C 113 0.60 3.05 -24.34
C SER C 113 0.41 3.54 -22.91
N ILE C 114 0.37 4.85 -22.75
CA ILE C 114 0.16 5.50 -21.46
C ILE C 114 -1.11 6.33 -21.54
N LYS C 115 -2.02 6.12 -20.60
CA LYS C 115 -3.28 6.85 -20.55
C LYS C 115 -3.10 8.09 -19.66
N LEU C 116 -3.29 9.26 -20.25
CA LEU C 116 -3.23 10.52 -19.51
C LEU C 116 -4.63 11.12 -19.47
N THR C 117 -5.09 11.44 -18.26
CA THR C 117 -6.40 12.04 -18.04
C THR C 117 -6.24 13.38 -17.35
N PHE C 118 -6.93 14.39 -17.87
CA PHE C 118 -6.91 15.73 -17.32
C PHE C 118 -8.33 16.13 -16.94
N MET C 119 -8.50 16.57 -15.70
CA MET C 119 -9.80 16.97 -15.19
C MET C 119 -9.76 18.45 -14.82
N PHE C 120 -10.64 19.24 -15.44
CA PHE C 120 -10.70 20.67 -15.19
C PHE C 120 -11.49 20.94 -13.91
N CYS C 121 -10.90 21.67 -12.98
CA CYS C 121 -11.47 21.89 -11.66
C CYS C 121 -11.77 23.35 -11.41
N GLY C 122 -12.20 24.06 -12.45
CA GLY C 122 -12.68 25.42 -12.34
C GLY C 122 -14.18 25.46 -12.11
N SER C 123 -14.72 26.67 -12.16
CA SER C 123 -16.15 26.84 -11.99
C SER C 123 -16.90 26.33 -13.21
N ALA C 124 -18.18 25.99 -13.00
CA ALA C 124 -19.01 25.52 -14.09
C ALA C 124 -19.29 26.60 -15.13
N MET C 125 -19.06 27.87 -14.80
CA MET C 125 -19.27 28.96 -15.73
C MET C 125 -18.09 29.19 -16.67
N ALA C 126 -16.95 28.56 -16.41
CA ALA C 126 -15.76 28.79 -17.22
C ALA C 126 -15.82 28.00 -18.51
N THR C 127 -15.21 28.56 -19.56
CA THR C 127 -15.11 27.91 -20.85
C THR C 127 -13.68 28.02 -21.34
N GLY C 128 -13.31 27.15 -22.27
CA GLY C 128 -11.96 27.16 -22.81
C GLY C 128 -11.60 25.93 -23.61
N LYS C 129 -10.66 26.10 -24.54
CA LYS C 129 -10.16 25.00 -25.36
C LYS C 129 -8.66 24.90 -25.19
N PHE C 130 -8.16 23.67 -25.12
CA PHE C 130 -6.74 23.39 -24.93
C PHE C 130 -6.27 22.40 -25.99
N LEU C 131 -4.99 22.51 -26.34
CA LEU C 131 -4.35 21.60 -27.28
C LEU C 131 -3.37 20.73 -26.49
N LEU C 132 -3.67 19.44 -26.38
CA LEU C 132 -2.79 18.48 -25.74
C LEU C 132 -2.06 17.70 -26.81
N ALA C 133 -0.73 17.76 -26.81
CA ALA C 133 0.07 17.20 -27.88
C ALA C 133 1.15 16.27 -27.33
N TYR C 134 1.43 15.23 -28.11
CA TYR C 134 2.54 14.32 -27.85
C TYR C 134 3.49 14.38 -29.03
N SER C 135 4.75 14.74 -28.78
CA SER C 135 5.73 14.87 -29.84
C SER C 135 6.75 13.75 -29.75
N PRO C 136 6.83 12.86 -30.74
CA PRO C 136 7.88 11.85 -30.75
C PRO C 136 9.25 12.50 -30.84
N PRO C 137 10.30 11.84 -30.32
CA PRO C 137 11.62 12.47 -30.31
C PRO C 137 12.23 12.57 -31.70
N GLY C 138 13.45 13.11 -31.76
CA GLY C 138 14.14 13.33 -33.01
C GLY C 138 14.38 14.80 -33.25
N ALA C 139 13.37 15.60 -32.95
CA ALA C 139 13.54 17.04 -32.79
C ALA C 139 13.50 17.35 -31.30
N GLY C 140 13.52 18.63 -30.95
CA GLY C 140 13.43 19.04 -29.57
C GLY C 140 12.00 18.98 -29.07
N VAL C 141 11.77 19.56 -27.89
CA VAL C 141 10.41 19.78 -27.41
C VAL C 141 9.80 20.85 -28.30
N PRO C 142 8.52 20.78 -28.63
CA PRO C 142 7.89 21.88 -29.37
C PRO C 142 7.95 23.17 -28.55
N LYS C 143 8.23 24.28 -29.24
CA LYS C 143 8.38 25.57 -28.59
C LYS C 143 7.17 26.47 -28.75
N ASN C 144 6.22 26.11 -29.60
CA ASN C 144 5.00 26.89 -29.77
C ASN C 144 3.88 25.95 -30.18
N ARG C 145 2.66 26.49 -30.18
CA ARG C 145 1.50 25.69 -30.55
C ARG C 145 1.59 25.21 -31.99
N LYS C 146 2.20 26.01 -32.87
CA LYS C 146 2.35 25.58 -34.27
C LYS C 146 3.20 24.33 -34.37
N ASP C 147 4.33 24.30 -33.65
CA ASP C 147 5.15 23.09 -33.64
C ASP C 147 4.42 21.94 -32.97
N ALA C 148 3.68 22.23 -31.89
CA ALA C 148 3.01 21.17 -31.15
C ALA C 148 1.94 20.49 -31.98
N MET C 149 1.16 21.25 -32.75
CA MET C 149 0.06 20.69 -33.50
C MET C 149 0.50 19.87 -34.70
N LEU C 150 1.79 19.90 -35.06
CA LEU C 150 2.26 19.09 -36.18
C LEU C 150 2.37 17.62 -35.84
N GLY C 151 2.42 17.27 -34.56
CA GLY C 151 2.44 15.90 -34.12
C GLY C 151 1.07 15.42 -33.68
N THR C 152 1.08 14.32 -32.93
CA THR C 152 -0.16 13.79 -32.37
C THR C 152 -0.71 14.77 -31.34
N HIS C 153 -2.00 15.10 -31.46
CA HIS C 153 -2.61 16.05 -30.55
C HIS C 153 -4.13 15.90 -30.59
N VAL C 154 -4.78 16.42 -29.55
CA VAL C 154 -6.23 16.45 -29.46
C VAL C 154 -6.63 17.82 -28.90
N ILE C 155 -7.84 18.26 -29.24
CA ILE C 155 -8.37 19.52 -28.76
C ILE C 155 -9.38 19.22 -27.65
N TRP C 156 -9.14 19.79 -26.48
CA TRP C 156 -9.96 19.55 -25.31
C TRP C 156 -10.75 20.82 -24.97
N ASP C 157 -12.07 20.69 -24.93
CA ASP C 157 -12.95 21.80 -24.61
C ASP C 157 -13.51 21.58 -23.21
N VAL C 158 -13.08 22.42 -22.26
CA VAL C 158 -13.54 22.24 -20.87
C VAL C 158 -15.02 22.54 -20.75
N GLY C 159 -15.54 23.41 -21.61
CA GLY C 159 -16.96 23.70 -21.60
C GLY C 159 -17.83 22.52 -21.99
N LEU C 160 -17.29 21.59 -22.76
CA LEU C 160 -18.03 20.40 -23.18
C LEU C 160 -17.71 19.17 -22.35
N GLN C 161 -16.46 19.05 -21.88
CA GLN C 161 -16.03 17.89 -21.11
C GLN C 161 -15.14 18.35 -19.97
N SER C 162 -15.48 17.95 -18.76
CA SER C 162 -14.62 18.25 -17.61
C SER C 162 -13.43 17.32 -17.51
N SER C 163 -13.42 16.21 -18.25
CA SER C 163 -12.33 15.25 -18.21
C SER C 163 -12.02 14.79 -19.64
N CYS C 164 -10.76 14.93 -20.03
CA CYS C 164 -10.28 14.45 -21.32
C CYS C 164 -9.28 13.32 -21.11
N VAL C 165 -9.47 12.23 -21.81
CA VAL C 165 -8.63 11.04 -21.67
C VAL C 165 -7.80 10.92 -22.94
N LEU C 166 -6.52 11.25 -22.84
CA LEU C 166 -5.59 11.14 -23.96
C LEU C 166 -4.74 9.89 -23.78
N CYS C 167 -4.77 8.99 -24.76
CA CYS C 167 -3.99 7.76 -24.73
C CYS C 167 -2.78 7.94 -25.63
N VAL C 168 -1.61 8.09 -25.02
CA VAL C 168 -0.37 8.32 -25.76
C VAL C 168 0.02 7.02 -26.45
N PRO C 169 0.15 7.01 -27.77
CA PRO C 169 0.47 5.76 -28.47
C PRO C 169 1.91 5.35 -28.26
N TRP C 170 2.17 4.06 -28.47
CA TRP C 170 3.53 3.52 -28.38
C TRP C 170 4.20 3.63 -29.74
N ILE C 171 5.18 4.52 -29.85
CA ILE C 171 5.95 4.73 -31.08
C ILE C 171 7.41 4.64 -30.71
N SER C 172 8.05 3.51 -31.03
CA SER C 172 9.43 3.27 -30.67
C SER C 172 10.10 2.42 -31.75
N GLN C 173 11.42 2.54 -31.84
CA GLN C 173 12.15 1.68 -32.75
C GLN C 173 12.32 0.28 -32.19
N THR C 174 12.39 0.17 -30.86
CA THR C 174 12.52 -1.11 -30.17
C THR C 174 11.20 -1.52 -29.55
N HIS C 175 11.05 -2.82 -29.31
CA HIS C 175 9.85 -3.33 -28.66
C HIS C 175 9.75 -2.86 -27.22
N TYR C 176 10.86 -2.54 -26.57
CA TYR C 176 10.87 -2.13 -25.18
C TYR C 176 11.77 -0.92 -25.01
N ARG C 177 11.48 -0.12 -24.00
CA ARG C 177 12.31 1.00 -23.60
C ARG C 177 12.85 0.74 -22.19
N TYR C 178 14.04 1.28 -21.93
CA TYR C 178 14.63 1.16 -20.60
C TYR C 178 13.86 2.01 -19.60
N VAL C 179 13.72 1.46 -18.38
CA VAL C 179 13.11 2.24 -17.30
C VAL C 179 14.01 3.41 -16.92
N VAL C 180 15.33 3.16 -16.83
CA VAL C 180 16.27 4.23 -16.58
C VAL C 180 16.38 5.13 -17.80
N GLU C 181 16.86 6.35 -17.58
CA GLU C 181 17.03 7.30 -18.67
C GLU C 181 18.14 6.82 -19.60
N ASP C 182 17.84 6.78 -20.90
CA ASP C 182 18.83 6.42 -21.91
C ASP C 182 18.39 7.03 -23.23
N GLU C 183 19.27 7.84 -23.83
CA GLU C 183 18.90 8.60 -25.01
C GLU C 183 18.52 7.69 -26.18
N TYR C 184 19.11 6.50 -26.26
CA TYR C 184 18.78 5.57 -27.33
C TYR C 184 17.30 5.19 -27.31
N THR C 185 16.66 5.24 -26.15
CA THR C 185 15.25 4.91 -26.01
C THR C 185 14.43 6.11 -25.53
N ALA C 186 14.72 7.29 -26.08
CA ALA C 186 13.91 8.46 -25.77
C ALA C 186 12.50 8.28 -26.31
N ALA C 187 11.52 8.73 -25.52
CA ALA C 187 10.12 8.50 -25.85
C ALA C 187 9.38 9.73 -26.32
N GLY C 188 9.94 10.92 -26.15
CA GLY C 188 9.31 12.14 -26.62
C GLY C 188 8.88 13.06 -25.50
N TYR C 189 7.92 13.92 -25.82
CA TYR C 189 7.48 14.97 -24.91
C TYR C 189 5.96 15.09 -24.93
N ILE C 190 5.42 15.53 -23.79
CA ILE C 190 3.96 15.82 -23.68
C ILE C 190 3.83 17.31 -23.35
N THR C 191 3.04 18.06 -24.10
CA THR C 191 2.85 19.49 -23.90
C THR C 191 1.38 19.85 -24.02
N CYS C 192 1.00 20.94 -23.37
CA CYS C 192 -0.36 21.46 -23.40
C CYS C 192 -0.32 22.95 -23.69
N TRP C 193 -1.25 23.40 -24.54
CA TRP C 193 -1.27 24.78 -25.01
C TRP C 193 -2.70 25.29 -25.01
N TYR C 194 -2.84 26.61 -24.86
CA TYR C 194 -4.14 27.25 -24.96
C TYR C 194 -4.61 27.23 -26.41
N GLN C 195 -5.74 26.58 -26.67
CA GLN C 195 -6.27 26.61 -28.03
C GLN C 195 -7.01 27.93 -28.29
N THR C 196 -7.93 28.31 -27.41
CA THR C 196 -8.46 29.67 -27.55
C THR C 196 -8.15 30.55 -26.35
N ASN C 197 -8.77 30.26 -25.19
CA ASN C 197 -8.59 31.06 -23.98
C ASN C 197 -9.52 30.52 -22.90
N ILE C 198 -9.22 30.86 -21.65
CA ILE C 198 -10.18 30.70 -20.57
C ILE C 198 -11.05 31.95 -20.53
N VAL C 199 -12.37 31.77 -20.60
CA VAL C 199 -13.32 32.87 -20.61
C VAL C 199 -14.34 32.64 -19.50
N VAL C 200 -14.51 33.63 -18.64
CA VAL C 200 -15.42 33.52 -17.50
C VAL C 200 -16.33 34.74 -17.43
N PRO C 201 -17.51 34.63 -16.83
CA PRO C 201 -18.34 35.81 -16.60
C PRO C 201 -17.79 36.64 -15.45
N ALA C 202 -18.50 37.73 -15.16
CA ALA C 202 -18.19 38.52 -13.97
C ALA C 202 -18.48 37.71 -12.71
N ASP C 203 -17.76 38.04 -11.64
CA ASP C 203 -17.89 37.39 -10.34
C ASP C 203 -17.52 35.92 -10.38
N VAL C 204 -16.65 35.51 -11.29
CA VAL C 204 -16.11 34.16 -11.34
C VAL C 204 -14.59 34.27 -11.32
N GLN C 205 -13.95 33.47 -10.48
CA GLN C 205 -12.49 33.48 -10.41
C GLN C 205 -11.91 33.01 -11.74
N SER C 206 -11.02 33.83 -12.30
CA SER C 206 -10.41 33.49 -13.58
C SER C 206 -9.32 32.43 -13.44
N SER C 207 -8.66 32.38 -12.29
CA SER C 207 -7.62 31.39 -12.04
C SER C 207 -8.26 30.06 -11.63
N CYS C 208 -7.98 29.01 -12.39
CA CYS C 208 -8.49 27.67 -12.11
C CYS C 208 -7.32 26.69 -12.07
N ASP C 209 -7.62 25.43 -11.80
CA ASP C 209 -6.62 24.40 -11.68
C ASP C 209 -7.02 23.17 -12.47
N ILE C 210 -6.03 22.45 -12.98
CA ILE C 210 -6.23 21.20 -13.72
C ILE C 210 -5.46 20.10 -13.02
N LEU C 211 -6.11 18.95 -12.84
CA LEU C 211 -5.49 17.77 -12.26
C LEU C 211 -5.20 16.76 -13.38
N CYS C 212 -4.01 16.18 -13.35
CA CYS C 212 -3.60 15.19 -14.35
C CYS C 212 -3.45 13.82 -13.70
N PHE C 213 -3.98 12.80 -14.37
CA PHE C 213 -3.86 11.41 -13.92
C PHE C 213 -3.11 10.61 -14.97
N VAL C 214 -2.42 9.57 -14.52
CA VAL C 214 -1.66 8.69 -15.39
C VAL C 214 -1.96 7.25 -15.03
N SER C 215 -2.00 6.38 -16.04
CA SER C 215 -2.18 4.96 -15.83
C SER C 215 -1.74 4.22 -17.09
N ALA C 216 -1.41 2.95 -16.94
CA ALA C 216 -1.06 2.13 -18.08
C ALA C 216 -2.30 1.70 -18.84
N CYS C 217 -2.16 1.55 -20.15
CA CYS C 217 -3.25 1.07 -20.98
C CYS C 217 -3.24 -0.47 -20.98
N ASN C 218 -4.05 -1.07 -21.84
CA ASN C 218 -4.22 -2.53 -21.82
C ASN C 218 -3.05 -3.27 -22.43
N ASP C 219 -2.18 -2.60 -23.19
CA ASP C 219 -1.07 -3.24 -23.86
C ASP C 219 0.25 -3.08 -23.12
N PHE C 220 0.21 -2.68 -21.86
CA PHE C 220 1.42 -2.38 -21.11
C PHE C 220 2.03 -3.64 -20.52
N SER C 221 3.37 -3.67 -20.47
CA SER C 221 4.08 -4.79 -19.88
C SER C 221 5.45 -4.33 -19.39
N VAL C 222 6.04 -5.13 -18.50
CA VAL C 222 7.34 -4.85 -17.91
C VAL C 222 8.17 -6.13 -17.91
N ARG C 223 9.49 -5.97 -17.81
CA ARG C 223 10.41 -7.09 -17.89
C ARG C 223 11.60 -6.87 -16.96
N MET C 224 12.31 -7.95 -16.67
CA MET C 224 13.57 -7.93 -15.93
C MET C 224 13.44 -7.32 -14.53
N LEU C 225 12.75 -8.03 -13.64
CA LEU C 225 12.65 -7.65 -12.24
C LEU C 225 13.98 -7.16 -11.67
N LYS C 226 13.92 -6.13 -10.84
CA LYS C 226 15.09 -5.59 -10.17
C LYS C 226 14.66 -4.97 -8.85
N ASP C 227 15.64 -4.64 -8.01
CA ASP C 227 15.38 -3.94 -6.76
C ASP C 227 15.15 -2.46 -7.02
N THR C 228 14.15 -1.90 -6.35
CA THR C 228 13.81 -0.50 -6.56
C THR C 228 14.88 0.42 -5.97
N PRO C 229 15.14 1.56 -6.59
CA PRO C 229 16.08 2.53 -6.00
C PRO C 229 15.44 3.50 -5.02
N PHE C 230 14.19 3.28 -4.61
CA PHE C 230 13.49 4.24 -3.78
C PHE C 230 13.54 3.91 -2.29
N ILE C 231 13.93 2.69 -1.92
CA ILE C 231 14.02 2.28 -0.52
C ILE C 231 15.45 1.83 -0.25
N ARG C 232 15.97 2.23 0.90
CA ARG C 232 17.35 1.92 1.27
C ARG C 232 17.44 1.80 2.79
N GLN C 233 18.62 1.40 3.27
CA GLN C 233 18.79 1.07 4.67
C GLN C 233 20.24 1.27 5.06
N ASP C 234 20.46 1.47 6.35
CA ASP C 234 21.80 1.51 6.93
C ASP C 234 22.03 0.46 8.00
N THR C 235 21.03 0.17 8.82
CA THR C 235 21.09 -0.89 9.80
C THR C 235 19.72 -1.55 9.87
N PHE C 236 19.65 -2.68 10.56
CA PHE C 236 18.37 -3.35 10.76
C PHE C 236 17.44 -2.46 11.57
N TYR C 237 16.16 -2.54 11.25
CA TYR C 237 15.14 -1.80 11.99
C TYR C 237 14.76 -2.54 13.28
N GLN C 238 14.87 -1.80 14.36
CA GLN C 238 14.56 -2.36 15.70
C GLN C 238 13.25 -1.73 16.18
N TYR D 1 12.78 -34.55 -12.54
CA TYR D 1 12.15 -34.87 -13.85
C TYR D 1 11.35 -33.66 -14.31
N THR D 2 10.41 -33.87 -15.25
CA THR D 2 9.57 -32.77 -15.76
C THR D 2 8.78 -32.17 -14.59
N ASN D 3 7.86 -32.93 -14.00
CA ASN D 3 7.12 -32.46 -12.80
C ASN D 3 6.60 -33.65 -12.00
N ILE D 4 7.21 -33.91 -10.84
CA ILE D 4 6.75 -35.00 -9.94
C ILE D 4 6.96 -34.43 -8.55
N ASN D 5 5.95 -34.49 -7.69
CA ASN D 5 6.16 -34.01 -6.30
C ASN D 5 6.88 -35.10 -5.51
N TYR D 6 7.98 -34.76 -4.85
CA TYR D 6 8.74 -35.70 -4.06
C TYR D 6 8.32 -35.76 -2.59
N TYR D 7 7.41 -34.88 -2.17
CA TYR D 7 7.04 -34.78 -0.77
C TYR D 7 5.53 -34.83 -0.62
N LYS D 8 5.10 -35.22 0.57
CA LYS D 8 3.68 -35.41 0.86
C LYS D 8 2.97 -34.13 1.24
N ASP D 9 3.69 -33.03 1.42
CA ASP D 9 3.10 -31.76 1.83
C ASP D 9 3.07 -30.79 0.66
N ALA D 10 1.96 -30.06 0.54
CA ALA D 10 1.81 -29.10 -0.56
C ALA D 10 2.81 -27.95 -0.44
N ALA D 11 3.20 -27.58 0.79
CA ALA D 11 4.15 -26.49 0.96
C ALA D 11 5.51 -26.82 0.38
N SER D 12 5.80 -28.11 0.19
CA SER D 12 7.09 -28.52 -0.36
C SER D 12 7.17 -28.28 -1.87
N ASN D 13 6.04 -28.09 -2.54
CA ASN D 13 6.04 -27.95 -3.98
C ASN D 13 6.75 -26.67 -4.41
N SER D 14 7.21 -26.67 -5.66
CA SER D 14 7.84 -25.49 -6.22
C SER D 14 6.79 -24.42 -6.50
N ALA D 15 7.26 -23.28 -7.01
CA ALA D 15 6.39 -22.14 -7.21
C ALA D 15 5.35 -22.41 -8.30
N ASN D 16 4.28 -21.62 -8.26
CA ASN D 16 3.19 -21.74 -9.23
C ASN D 16 3.54 -20.90 -10.45
N ARG D 17 4.09 -21.55 -11.47
CA ARG D 17 4.48 -20.87 -12.69
C ARG D 17 4.05 -21.66 -13.92
#